data_9GBP
#
_entry.id   9GBP
#
_cell.length_a   73.088
_cell.length_b   77.974
_cell.length_c   83.312
_cell.angle_alpha   88.265
_cell.angle_beta   64.112
_cell.angle_gamma   74.362
#
_symmetry.space_group_name_H-M   'P 1'
#
loop_
_entity.id
_entity.type
_entity.pdbx_description
1 polymer 'Angiotensin-converting enzyme, soluble form'
2 branched 2-acetamido-2-deoxy-beta-D-glucopyranose-(1-4)-2-acetamido-2-deoxy-beta-D-glucopyranose
3 branched 2-acetamido-2-deoxy-beta-D-glucopyranose-(1-4)-[alpha-L-fucopyranose-(1-6)]2-acetamido-2-deoxy-beta-D-glucopyranose
4 non-polymer '(2S)-1-[(2S)-2-[[(1S)-1-[(2S)-1-(4-aminophenyl)carbonylpyrrolidin-2-yl]-2-oxidanyl-2-oxidanylidene-ethyl]amino]propanoyl]pyrrolidine-2-carboxylic acid'
5 non-polymer 'TETRAETHYLENE GLYCOL'
6 non-polymer 'ACETATE ION'
7 non-polymer DI(HYDROXYETHYL)ETHER
8 non-polymer 1,2-ETHANEDIOL
9 non-polymer 2-acetamido-2-deoxy-beta-D-glucopyranose
10 non-polymer 'ZINC ION'
11 non-polymer 'CHLORIDE ION'
12 non-polymer 'MAGNESIUM ION'
13 water water
#
_entity_poly.entity_id   1
_entity_poly.type   'polypeptide(L)'
_entity_poly.pdbx_seq_one_letter_code
;LDPGLQPGQFSADEAGAQLFAQSYQSSAEQVLFQSVAASWAHDTNITAENARRQEEAALLSQEFAEAWGQKAKELYEPIW
QQFTDPQLRRIIGAVRTLGSANLPLAKRQQYNALLSQMSRIYSTAKVCLPQKTATCWSLDPDLTNILASSRSYAMLLFAW
EGWHNAAGIPLKPLYEDFTALSNEAYKQDGFTDTGAYWRSWYNSPTFEDDLEHLYQQLEPLYLNLHAFVRRALHRRYGDR
YINLRGPIPAHLLGDMWAQSWENIYDMVVPFPDKPNLDVTSTMLQQGWQATHMFRVAEEFFTSLELSPMPPEFWEGSMLE
KPADGREVVCHASAWDFYNRKDFRIKQCTRVTMDQLSTVHHEMGHIQYYLQYKDLPVSLRRGANPGFHEAIGDVLALSVS
TPEHLHKIGLLDRVTNDTESDINYLLKMALEKIAFLPFGYLVDQWRWGVFSGRTPPSRYNFDWWYLRTKYQGICPPVTRN
ETHFDAGAKFHVPNVTPYIRYFVSFVLQFQFHEALCKEAGYEGPLHQCDIYRSTKAGAKLRKVLRAGSSRPWQEVLKDMV
GLDALDAQPLLKYFQLVTQWLQEQNQQNGEVLGWPEYQWHPPLPDNYPEGIDLVTDEAEASKFVEEYD
;
_entity_poly.pdbx_strand_id   A,B
#
# COMPACT_ATOMS: atom_id res chain seq x y z
N LEU A 1 35.01 -26.70 -11.52
CA LEU A 1 35.16 -26.93 -10.06
C LEU A 1 36.31 -27.90 -9.83
N ASP A 2 37.28 -27.57 -8.97
CA ASP A 2 38.36 -28.51 -8.62
C ASP A 2 37.77 -29.89 -8.40
N PRO A 3 38.45 -30.97 -8.89
CA PRO A 3 37.99 -32.34 -8.61
C PRO A 3 37.68 -32.59 -7.13
N GLY A 4 38.52 -32.09 -6.21
CA GLY A 4 38.32 -32.32 -4.77
C GLY A 4 37.00 -31.75 -4.21
N LEU A 5 36.38 -30.81 -4.94
CA LEU A 5 35.22 -30.06 -4.46
C LEU A 5 33.94 -30.60 -5.08
N GLN A 6 34.04 -31.55 -6.00
CA GLN A 6 32.86 -32.02 -6.72
C GLN A 6 32.16 -33.12 -5.92
N PRO A 7 30.81 -33.27 -6.02
CA PRO A 7 30.09 -34.33 -5.31
C PRO A 7 30.30 -35.67 -6.01
N GLY A 8 30.51 -36.73 -5.21
CA GLY A 8 30.66 -38.10 -5.69
C GLY A 8 29.29 -38.73 -5.74
N GLN A 9 29.19 -40.02 -5.49
CA GLN A 9 27.86 -40.60 -5.54
C GLN A 9 27.48 -41.12 -4.15
N PHE A 10 26.19 -41.25 -3.90
CA PHE A 10 25.70 -41.59 -2.57
C PHE A 10 24.42 -42.33 -2.89
N SER A 11 24.02 -43.28 -2.04
CA SER A 11 22.71 -43.89 -2.21
C SER A 11 21.63 -42.85 -1.98
N ALA A 12 20.48 -43.13 -2.61
CA ALA A 12 19.32 -42.29 -2.67
C ALA A 12 18.36 -42.69 -1.54
N ASP A 13 18.86 -42.64 -0.30
CA ASP A 13 18.08 -42.90 0.90
C ASP A 13 18.69 -42.05 2.03
N GLU A 14 18.16 -42.16 3.25
CA GLU A 14 18.60 -41.29 4.31
C GLU A 14 20.04 -41.59 4.76
N ALA A 15 20.48 -42.84 4.61
CA ALA A 15 21.83 -43.18 5.08
C ALA A 15 22.86 -42.53 4.14
N GLY A 16 22.54 -42.50 2.84
CA GLY A 16 23.38 -41.82 1.84
C GLY A 16 23.37 -40.28 1.98
N ALA A 17 22.19 -39.67 2.12
CA ALA A 17 22.09 -38.24 2.51
C ALA A 17 23.02 -37.85 3.67
N GLN A 18 23.13 -38.68 4.73
CA GLN A 18 24.04 -38.34 5.81
C GLN A 18 25.49 -38.29 5.31
N LEU A 19 25.90 -39.30 4.53
CA LEU A 19 27.26 -39.28 3.99
C LEU A 19 27.39 -38.13 2.97
N PHE A 20 26.35 -37.95 2.16
CA PHE A 20 26.36 -36.77 1.28
C PHE A 20 26.56 -35.44 2.07
N ALA A 21 25.79 -35.26 3.17
CA ALA A 21 25.94 -34.10 4.04
C ALA A 21 27.35 -34.00 4.61
N GLN A 22 27.93 -35.14 5.06
CA GLN A 22 29.29 -35.08 5.60
C GLN A 22 30.34 -34.68 4.55
N SER A 23 30.21 -35.24 3.36
CA SER A 23 31.09 -34.92 2.25
C SER A 23 30.99 -33.45 1.87
N TYR A 24 29.75 -32.95 1.83
CA TYR A 24 29.48 -31.54 1.50
C TYR A 24 30.27 -30.58 2.39
N GLN A 25 30.14 -30.88 3.68
CA GLN A 25 30.73 -30.09 4.76
C GLN A 25 32.22 -29.84 4.50
N SER A 26 33.00 -30.88 4.17
CA SER A 26 34.44 -30.66 4.10
C SER A 26 34.83 -29.75 2.92
N SER A 27 34.06 -29.84 1.83
CA SER A 27 34.39 -28.98 0.70
C SER A 27 33.74 -27.60 0.87
N ALA A 28 32.51 -27.56 1.39
CA ALA A 28 31.84 -26.27 1.64
C ALA A 28 32.70 -25.30 2.46
N GLU A 29 33.39 -25.78 3.51
CA GLU A 29 34.11 -24.83 4.36
C GLU A 29 35.22 -24.17 3.55
N GLN A 30 35.82 -24.94 2.61
CA GLN A 30 36.89 -24.41 1.81
C GLN A 30 36.38 -23.34 0.87
N VAL A 31 35.23 -23.62 0.29
CA VAL A 31 34.63 -22.70 -0.68
C VAL A 31 34.12 -21.42 0.02
N LEU A 32 33.41 -21.56 1.15
CA LEU A 32 33.03 -20.38 1.93
C LEU A 32 34.24 -19.59 2.38
N PHE A 33 35.29 -20.30 2.82
CA PHE A 33 36.46 -19.56 3.29
C PHE A 33 37.01 -18.69 2.17
N GLN A 34 37.18 -19.31 0.97
CA GLN A 34 37.76 -18.56 -0.15
C GLN A 34 36.87 -17.34 -0.48
N SER A 35 35.56 -17.53 -0.38
CA SER A 35 34.67 -16.43 -0.73
C SER A 35 34.66 -15.35 0.37
N VAL A 36 34.56 -15.72 1.67
CA VAL A 36 34.68 -14.72 2.74
C VAL A 36 36.05 -14.02 2.72
N ALA A 37 37.16 -14.75 2.44
CA ALA A 37 38.47 -14.11 2.44
C ALA A 37 38.54 -13.09 1.33
N ALA A 38 37.96 -13.44 0.17
CA ALA A 38 38.00 -12.49 -0.94
C ALA A 38 37.14 -11.27 -0.64
N SER A 39 36.00 -11.48 0.03
CA SER A 39 35.16 -10.31 0.41
C SER A 39 35.87 -9.40 1.42
N TRP A 40 36.58 -10.02 2.37
CA TRP A 40 37.36 -9.32 3.37
C TRP A 40 38.38 -8.45 2.69
N ALA A 41 39.12 -9.04 1.74
CA ALA A 41 40.24 -8.36 1.09
C ALA A 41 39.70 -7.17 0.32
N HIS A 42 38.51 -7.33 -0.21
CA HIS A 42 37.96 -6.19 -0.94
C HIS A 42 37.42 -5.13 0.02
N ASP A 43 36.69 -5.54 1.05
CA ASP A 43 35.97 -4.56 1.86
C ASP A 43 36.92 -3.80 2.81
N THR A 44 38.10 -4.38 3.11
CA THR A 44 39.11 -3.65 3.86
C THR A 44 40.09 -3.05 2.84
N ASN A 45 39.72 -3.03 1.55
CA ASN A 45 40.68 -2.46 0.60
C ASN A 45 40.02 -2.38 -0.78
N ILE A 46 39.17 -1.37 -0.99
CA ILE A 46 38.34 -1.39 -2.18
C ILE A 46 39.24 -1.05 -3.36
N THR A 47 39.55 -2.02 -4.23
CA THR A 47 40.18 -1.73 -5.52
C THR A 47 39.46 -2.48 -6.63
N ALA A 48 39.67 -2.06 -7.89
CA ALA A 48 39.15 -2.77 -9.04
C ALA A 48 39.61 -4.24 -9.01
N GLU A 49 40.83 -4.45 -8.56
CA GLU A 49 41.41 -5.77 -8.62
C GLU A 49 40.84 -6.64 -7.51
N ASN A 50 40.58 -6.09 -6.31
CA ASN A 50 40.00 -6.90 -5.25
C ASN A 50 38.56 -7.20 -5.66
N ALA A 51 37.87 -6.25 -6.33
CA ALA A 51 36.54 -6.61 -6.81
C ALA A 51 36.56 -7.74 -7.84
N ARG A 52 37.53 -7.71 -8.77
CA ARG A 52 37.62 -8.79 -9.74
C ARG A 52 37.84 -10.11 -8.98
N ARG A 53 38.71 -10.08 -7.96
CA ARG A 53 39.01 -11.34 -7.26
C ARG A 53 37.78 -11.83 -6.50
N GLN A 54 37.02 -10.89 -5.93
CA GLN A 54 35.84 -11.30 -5.16
C GLN A 54 34.80 -11.88 -6.10
N GLU A 55 34.69 -11.24 -7.31
CA GLU A 55 33.74 -11.73 -8.29
C GLU A 55 34.13 -13.15 -8.69
N GLU A 56 35.43 -13.41 -8.87
CA GLU A 56 35.81 -14.77 -9.24
C GLU A 56 35.54 -15.74 -8.09
N ALA A 57 35.79 -15.32 -6.83
CA ALA A 57 35.44 -16.17 -5.70
C ALA A 57 33.93 -16.47 -5.65
N ALA A 58 33.12 -15.46 -5.99
CA ALA A 58 31.69 -15.65 -5.91
C ALA A 58 31.32 -16.65 -7.00
N LEU A 59 32.00 -16.63 -8.15
CA LEU A 59 31.57 -17.50 -9.25
C LEU A 59 31.84 -18.96 -8.88
N LEU A 60 33.02 -19.16 -8.30
CA LEU A 60 33.36 -20.48 -7.76
C LEU A 60 32.27 -20.99 -6.81
N SER A 61 31.86 -20.11 -5.87
N SER A 61 31.86 -20.09 -5.90
CA SER A 61 30.80 -20.43 -4.92
CA SER A 61 30.84 -20.40 -4.92
C SER A 61 29.57 -20.87 -5.64
C SER A 61 29.57 -20.85 -5.62
N GLN A 62 29.21 -20.16 -6.71
CA GLN A 62 27.99 -20.54 -7.44
C GLN A 62 28.20 -21.91 -8.09
N GLU A 63 29.39 -22.10 -8.64
CA GLU A 63 29.65 -23.39 -9.29
C GLU A 63 29.45 -24.53 -8.29
N PHE A 64 30.11 -24.37 -7.12
CA PHE A 64 30.06 -25.36 -6.05
C PHE A 64 28.60 -25.60 -5.69
N ALA A 65 27.83 -24.53 -5.55
CA ALA A 65 26.48 -24.64 -5.01
C ALA A 65 25.58 -25.27 -6.04
N GLU A 66 25.85 -25.00 -7.33
CA GLU A 66 25.06 -25.67 -8.37
C GLU A 66 25.40 -27.16 -8.37
N ALA A 67 26.69 -27.51 -8.28
CA ALA A 67 26.94 -28.94 -8.40
C ALA A 67 26.30 -29.74 -7.23
N TRP A 68 26.47 -29.25 -5.99
CA TRP A 68 25.97 -30.01 -4.85
C TRP A 68 24.46 -29.86 -4.78
N GLY A 69 23.91 -28.68 -5.17
CA GLY A 69 22.47 -28.50 -5.26
C GLY A 69 21.85 -29.49 -6.23
N GLN A 70 22.38 -29.57 -7.47
CA GLN A 70 21.78 -30.48 -8.43
C GLN A 70 21.95 -31.93 -8.00
N LYS A 71 23.03 -32.25 -7.28
CA LYS A 71 23.18 -33.65 -6.89
C LYS A 71 22.15 -33.99 -5.81
N ALA A 72 21.96 -33.06 -4.86
CA ALA A 72 20.97 -33.26 -3.81
C ALA A 72 19.61 -33.49 -4.43
N LYS A 73 19.30 -32.78 -5.53
CA LYS A 73 18.00 -32.91 -6.18
C LYS A 73 17.90 -34.25 -6.88
N GLU A 74 18.90 -34.55 -7.71
CA GLU A 74 19.00 -35.86 -8.31
C GLU A 74 18.74 -36.97 -7.29
N LEU A 75 19.39 -36.96 -6.12
CA LEU A 75 19.34 -38.15 -5.27
C LEU A 75 18.17 -38.08 -4.30
N TYR A 76 17.68 -36.89 -3.93
CA TYR A 76 16.92 -36.80 -2.68
C TYR A 76 15.68 -35.94 -2.83
N GLU A 77 15.44 -35.39 -4.03
CA GLU A 77 14.26 -34.56 -4.28
C GLU A 77 13.00 -35.25 -3.74
N PRO A 78 12.72 -36.53 -4.08
CA PRO A 78 11.43 -37.09 -3.67
C PRO A 78 11.30 -37.54 -2.21
N ILE A 79 12.22 -37.16 -1.32
CA ILE A 79 12.29 -37.96 -0.10
C ILE A 79 12.90 -37.18 1.06
N TRP A 80 13.71 -36.14 0.78
CA TRP A 80 14.41 -35.45 1.86
C TRP A 80 13.40 -34.99 2.91
N GLN A 81 12.16 -34.69 2.49
CA GLN A 81 11.28 -34.04 3.45
C GLN A 81 10.71 -35.07 4.44
N GLN A 82 10.87 -36.36 4.09
CA GLN A 82 10.41 -37.48 4.90
C GLN A 82 11.57 -38.05 5.72
N PHE A 83 12.76 -37.41 5.71
CA PHE A 83 13.88 -37.91 6.53
C PHE A 83 13.52 -37.84 8.03
N THR A 84 13.92 -38.85 8.82
CA THR A 84 13.55 -38.73 10.22
C THR A 84 14.60 -37.90 10.94
N ASP A 85 15.81 -37.75 10.39
CA ASP A 85 16.77 -36.93 11.13
C ASP A 85 16.38 -35.47 10.86
N PRO A 86 15.94 -34.69 11.87
CA PRO A 86 15.47 -33.33 11.57
C PRO A 86 16.62 -32.44 11.10
N GLN A 87 17.81 -32.60 11.67
CA GLN A 87 18.92 -31.75 11.29
C GLN A 87 19.35 -31.99 9.84
N LEU A 88 19.40 -33.27 9.46
CA LEU A 88 19.64 -33.73 8.09
C LEU A 88 18.64 -33.07 7.13
N ARG A 89 17.34 -33.11 7.47
CA ARG A 89 16.38 -32.48 6.55
C ARG A 89 16.74 -31.00 6.36
N ARG A 90 17.12 -30.33 7.46
CA ARG A 90 17.43 -28.90 7.36
C ARG A 90 18.64 -28.72 6.44
N ILE A 91 19.64 -29.58 6.61
CA ILE A 91 20.83 -29.49 5.78
C ILE A 91 20.51 -29.65 4.30
N ILE A 92 19.82 -30.74 3.95
CA ILE A 92 19.47 -30.96 2.56
C ILE A 92 18.62 -29.81 2.03
N GLY A 93 17.61 -29.42 2.81
CA GLY A 93 16.73 -28.32 2.45
C GLY A 93 17.57 -27.10 2.01
N ALA A 94 18.62 -26.76 2.76
CA ALA A 94 19.54 -25.67 2.42
C ALA A 94 20.30 -25.96 1.13
N VAL A 95 21.01 -27.11 1.05
CA VAL A 95 21.87 -27.40 -0.09
C VAL A 95 21.07 -27.32 -1.40
N ARG A 96 19.80 -27.74 -1.37
CA ARG A 96 18.98 -27.85 -2.59
C ARG A 96 18.45 -26.48 -3.05
N THR A 97 18.60 -25.41 -2.24
CA THR A 97 18.24 -24.04 -2.61
C THR A 97 19.42 -23.38 -3.33
N LEU A 98 19.28 -23.09 -4.64
CA LEU A 98 20.43 -22.64 -5.44
C LEU A 98 20.61 -21.13 -5.41
N GLY A 99 19.54 -20.37 -5.25
CA GLY A 99 19.68 -18.91 -5.36
C GLY A 99 20.31 -18.51 -6.71
N SER A 100 21.30 -17.61 -6.61
CA SER A 100 21.93 -17.05 -7.80
C SER A 100 22.61 -18.13 -8.66
N ALA A 101 22.97 -19.29 -8.07
CA ALA A 101 23.54 -20.41 -8.83
C ALA A 101 22.51 -21.01 -9.80
N ASN A 102 21.25 -20.60 -9.68
CA ASN A 102 20.29 -20.96 -10.71
C ASN A 102 20.55 -20.22 -12.02
N LEU A 103 21.23 -19.06 -11.97
CA LEU A 103 21.28 -18.28 -13.21
C LEU A 103 22.28 -18.97 -14.16
N PRO A 104 22.16 -18.83 -15.51
CA PRO A 104 23.28 -19.21 -16.40
C PRO A 104 24.52 -18.36 -16.11
N LEU A 105 25.71 -18.88 -16.47
CA LEU A 105 26.99 -18.22 -16.26
C LEU A 105 26.89 -16.73 -16.54
N ALA A 106 26.40 -16.33 -17.73
CA ALA A 106 26.52 -14.93 -18.09
C ALA A 106 25.70 -14.04 -17.11
N LYS A 107 24.51 -14.48 -16.73
CA LYS A 107 23.71 -13.77 -15.75
C LYS A 107 24.33 -13.83 -14.35
N ARG A 108 25.01 -14.94 -14.01
CA ARG A 108 25.72 -15.03 -12.73
C ARG A 108 26.83 -13.99 -12.69
N GLN A 109 27.56 -13.82 -13.82
CA GLN A 109 28.56 -12.76 -13.86
C GLN A 109 27.93 -11.36 -13.78
N GLN A 110 26.79 -11.12 -14.48
CA GLN A 110 26.08 -9.85 -14.36
C GLN A 110 25.75 -9.63 -12.88
N TYR A 111 25.20 -10.66 -12.21
CA TYR A 111 24.75 -10.52 -10.82
C TYR A 111 25.91 -10.15 -9.88
N ASN A 112 27.03 -10.88 -9.97
CA ASN A 112 28.19 -10.69 -9.14
C ASN A 112 28.75 -9.28 -9.37
N ALA A 113 28.81 -8.84 -10.64
CA ALA A 113 29.28 -7.49 -10.93
C ALA A 113 28.36 -6.41 -10.33
N LEU A 114 27.05 -6.62 -10.42
CA LEU A 114 26.13 -5.63 -9.89
C LEU A 114 26.32 -5.50 -8.40
N LEU A 115 26.53 -6.64 -7.68
CA LEU A 115 26.70 -6.58 -6.23
C LEU A 115 27.95 -5.77 -5.91
N SER A 116 29.00 -6.05 -6.68
CA SER A 116 30.28 -5.38 -6.45
C SER A 116 30.17 -3.87 -6.78
N GLN A 117 29.56 -3.49 -7.90
N GLN A 117 29.57 -3.53 -7.93
CA GLN A 117 29.49 -2.06 -8.18
CA GLN A 117 29.39 -2.12 -8.29
C GLN A 117 28.50 -1.33 -7.25
C GLN A 117 28.54 -1.38 -7.25
N MET A 118 27.40 -1.97 -6.86
CA MET A 118 26.49 -1.30 -5.91
C MET A 118 27.18 -1.07 -4.59
N SER A 119 27.96 -2.05 -4.16
CA SER A 119 28.72 -1.90 -2.92
C SER A 119 29.74 -0.75 -2.94
N ARG A 120 30.44 -0.66 -4.05
CA ARG A 120 31.49 0.31 -4.28
C ARG A 120 30.84 1.69 -4.38
N ILE A 121 29.71 1.81 -5.10
CA ILE A 121 29.02 3.10 -5.12
C ILE A 121 28.76 3.59 -3.69
N TYR A 122 28.15 2.72 -2.86
CA TYR A 122 27.75 3.15 -1.54
C TYR A 122 28.99 3.48 -0.69
N SER A 123 30.01 2.59 -0.70
CA SER A 123 31.08 2.73 0.23
C SER A 123 32.10 3.79 -0.18
N THR A 124 32.05 4.28 -1.42
CA THR A 124 33.05 5.25 -1.77
C THR A 124 32.37 6.60 -2.06
N ALA A 125 31.02 6.68 -1.98
CA ALA A 125 30.39 7.99 -2.21
C ALA A 125 30.94 9.06 -1.26
N LYS A 126 30.92 10.31 -1.71
CA LYS A 126 31.37 11.43 -0.88
C LYS A 126 30.55 12.68 -1.14
N VAL A 127 30.55 13.64 -0.18
CA VAL A 127 29.90 14.92 -0.43
C VAL A 127 30.99 16.00 -0.48
N CYS A 128 31.05 16.77 -1.55
CA CYS A 128 32.12 17.75 -1.66
C CYS A 128 31.61 19.15 -1.26
N LEU A 129 32.49 19.93 -0.57
CA LEU A 129 32.43 21.35 -0.21
C LEU A 129 31.75 21.57 1.16
N CYS A 136 36.40 16.78 0.76
CA CYS A 136 35.10 16.07 0.51
C CYS A 136 34.86 15.14 1.70
N TRP A 137 33.61 15.09 2.16
CA TRP A 137 33.30 14.37 3.37
C TRP A 137 32.93 12.93 3.09
N SER A 138 33.42 11.99 3.93
CA SER A 138 32.95 10.60 3.90
C SER A 138 31.72 10.41 4.78
N LEU A 139 31.03 9.26 4.59
CA LEU A 139 29.86 8.99 5.45
C LEU A 139 30.38 8.77 6.87
N ASP A 140 31.43 7.96 6.93
CA ASP A 140 32.01 7.59 8.19
C ASP A 140 33.48 8.00 8.15
N PRO A 141 34.00 8.93 9.00
CA PRO A 141 33.28 9.55 10.11
C PRO A 141 32.50 10.82 9.83
N ASP A 142 32.79 11.46 8.72
CA ASP A 142 32.43 12.87 8.59
C ASP A 142 30.90 13.10 8.64
N LEU A 143 30.18 12.56 7.67
CA LEU A 143 28.74 12.82 7.69
C LEU A 143 28.08 12.26 8.97
N THR A 144 28.59 11.14 9.50
CA THR A 144 28.02 10.56 10.70
C THR A 144 28.13 11.57 11.85
N ASN A 145 29.29 12.25 11.95
CA ASN A 145 29.62 13.07 13.10
C ASN A 145 28.74 14.30 13.02
N ILE A 146 28.62 14.82 11.81
CA ILE A 146 27.73 15.96 11.63
C ILE A 146 26.27 15.65 11.99
N LEU A 147 25.70 14.54 11.51
CA LEU A 147 24.28 14.30 11.72
C LEU A 147 24.07 14.15 13.22
N ALA A 148 25.10 13.54 13.89
CA ALA A 148 25.05 13.27 15.32
C ALA A 148 25.15 14.54 16.18
N SER A 149 25.98 15.51 15.78
CA SER A 149 26.57 16.42 16.76
C SER A 149 26.22 17.83 16.38
N SER A 150 26.01 18.09 15.09
CA SER A 150 25.71 19.44 14.64
C SER A 150 24.23 19.77 14.91
N ARG A 151 24.03 21.01 15.37
CA ARG A 151 22.69 21.47 15.62
C ARG A 151 22.46 22.72 14.81
N SER A 152 23.03 22.75 13.60
CA SER A 152 22.83 23.80 12.62
C SER A 152 21.98 23.29 11.46
N TYR A 153 20.86 23.97 11.21
CA TYR A 153 19.92 23.50 10.21
C TYR A 153 20.60 23.29 8.86
N ALA A 154 21.42 24.28 8.45
CA ALA A 154 21.86 24.34 7.07
C ALA A 154 22.94 23.30 6.78
N MET A 155 23.81 23.06 7.80
N MET A 155 23.74 23.01 7.80
CA MET A 155 24.91 22.09 7.83
CA MET A 155 24.84 22.07 7.67
C MET A 155 24.31 20.69 7.71
C MET A 155 24.31 20.64 7.70
N LEU A 156 23.36 20.36 8.60
CA LEU A 156 22.61 19.12 8.56
C LEU A 156 21.99 18.91 7.18
N LEU A 157 21.43 19.96 6.57
CA LEU A 157 20.71 19.83 5.31
C LEU A 157 21.69 19.48 4.19
N PHE A 158 22.85 20.16 4.21
CA PHE A 158 23.85 20.00 3.18
C PHE A 158 24.38 18.56 3.28
N ALA A 159 24.59 18.05 4.50
CA ALA A 159 25.07 16.69 4.64
C ALA A 159 23.97 15.68 4.19
N TRP A 160 22.73 15.94 4.58
CA TRP A 160 21.63 15.03 4.21
C TRP A 160 21.37 14.93 2.71
N GLU A 161 21.24 16.10 2.08
CA GLU A 161 20.99 16.14 0.65
C GLU A 161 22.19 15.61 -0.11
N GLY A 162 23.42 16.05 0.27
CA GLY A 162 24.60 15.59 -0.44
C GLY A 162 24.69 14.05 -0.42
N TRP A 163 24.48 13.45 0.76
CA TRP A 163 24.63 12.03 0.90
C TRP A 163 23.57 11.29 0.07
N HIS A 164 22.31 11.73 0.16
CA HIS A 164 21.25 11.01 -0.52
C HIS A 164 21.44 11.12 -2.02
N ASN A 165 21.83 12.34 -2.48
CA ASN A 165 22.07 12.51 -3.91
C ASN A 165 23.29 11.70 -4.39
N ALA A 166 24.40 11.73 -3.62
CA ALA A 166 25.66 11.11 -4.02
C ALA A 166 25.56 9.58 -4.04
N ALA A 167 24.94 8.97 -3.00
CA ALA A 167 24.81 7.52 -2.93
C ALA A 167 23.66 6.97 -3.76
N GLY A 168 22.49 7.62 -3.72
CA GLY A 168 21.26 7.00 -4.27
C GLY A 168 21.12 7.12 -5.78
N ILE A 169 21.33 8.36 -6.32
CA ILE A 169 21.14 8.59 -7.74
C ILE A 169 21.87 7.55 -8.59
N PRO A 170 23.20 7.33 -8.47
CA PRO A 170 23.82 6.35 -9.36
C PRO A 170 23.46 4.87 -9.09
N LEU A 171 22.87 4.53 -7.94
CA LEU A 171 22.58 3.13 -7.65
C LEU A 171 21.37 2.65 -8.43
N LYS A 172 20.49 3.59 -8.80
CA LYS A 172 19.14 3.24 -9.23
C LYS A 172 19.15 2.29 -10.45
N PRO A 173 19.92 2.54 -11.55
CA PRO A 173 19.82 1.65 -12.70
C PRO A 173 20.37 0.29 -12.26
N LEU A 174 21.41 0.24 -11.42
CA LEU A 174 21.94 -1.07 -11.04
C LEU A 174 20.90 -1.83 -10.20
N TYR A 175 20.20 -1.11 -9.33
CA TYR A 175 19.26 -1.72 -8.39
C TYR A 175 18.12 -2.40 -9.15
N GLU A 176 17.64 -1.73 -10.22
CA GLU A 176 16.66 -2.27 -11.13
C GLU A 176 17.13 -3.61 -11.70
N ASP A 177 18.36 -3.64 -12.19
CA ASP A 177 18.85 -4.84 -12.89
C ASP A 177 19.08 -5.97 -11.90
N PHE A 178 19.57 -5.57 -10.70
CA PHE A 178 19.80 -6.57 -9.64
C PHE A 178 18.45 -7.23 -9.24
N THR A 179 17.37 -6.43 -9.09
CA THR A 179 16.08 -6.93 -8.61
C THR A 179 15.58 -8.00 -9.59
N ALA A 180 15.65 -7.69 -10.88
CA ALA A 180 15.14 -8.61 -11.87
C ALA A 180 15.94 -9.93 -11.85
N LEU A 181 17.27 -9.84 -11.77
CA LEU A 181 18.12 -11.04 -11.78
C LEU A 181 17.91 -11.84 -10.50
N SER A 182 17.76 -11.16 -9.34
CA SER A 182 17.55 -11.87 -8.09
C SER A 182 16.22 -12.65 -8.15
N ASN A 183 15.16 -12.00 -8.63
CA ASN A 183 13.87 -12.68 -8.73
C ASN A 183 13.99 -13.85 -9.72
N GLU A 184 14.71 -13.66 -10.80
CA GLU A 184 14.86 -14.73 -11.81
C GLU A 184 15.52 -15.93 -11.12
N ALA A 185 16.56 -15.68 -10.33
CA ALA A 185 17.25 -16.77 -9.68
C ALA A 185 16.33 -17.55 -8.73
N TYR A 186 15.63 -16.85 -7.82
CA TYR A 186 14.91 -17.49 -6.75
C TYR A 186 13.60 -18.09 -7.26
N LYS A 187 13.08 -17.57 -8.37
CA LYS A 187 11.93 -18.16 -8.98
C LYS A 187 12.27 -19.61 -9.34
N GLN A 188 13.52 -19.90 -9.65
CA GLN A 188 13.83 -21.29 -10.00
C GLN A 188 13.91 -22.18 -8.78
N ASP A 189 13.94 -21.58 -7.57
CA ASP A 189 13.83 -22.35 -6.33
C ASP A 189 12.37 -22.57 -5.97
N GLY A 190 11.42 -22.07 -6.76
CA GLY A 190 10.03 -22.18 -6.32
C GLY A 190 9.42 -20.94 -5.63
N PHE A 191 10.13 -19.80 -5.49
CA PHE A 191 9.57 -18.66 -4.78
C PHE A 191 9.01 -17.68 -5.79
N THR A 192 7.91 -17.06 -5.43
CA THR A 192 7.27 -16.09 -6.32
C THR A 192 8.20 -14.87 -6.57
N ASP A 193 9.02 -14.51 -5.59
CA ASP A 193 9.97 -13.40 -5.75
C ASP A 193 10.97 -13.58 -4.62
N THR A 194 12.08 -12.83 -4.66
CA THR A 194 13.14 -12.89 -3.65
C THR A 194 12.59 -12.56 -2.26
N GLY A 195 11.65 -11.65 -2.15
CA GLY A 195 11.07 -11.30 -0.83
C GLY A 195 10.42 -12.51 -0.16
N ALA A 196 9.78 -13.38 -0.95
CA ALA A 196 9.17 -14.59 -0.42
C ALA A 196 10.23 -15.58 0.09
N TYR A 197 11.36 -15.60 -0.58
CA TYR A 197 12.50 -16.38 -0.12
C TYR A 197 13.03 -15.84 1.21
N TRP A 198 13.21 -14.52 1.30
CA TRP A 198 13.69 -13.93 2.53
C TRP A 198 12.70 -14.19 3.68
N ARG A 199 11.41 -14.05 3.43
CA ARG A 199 10.45 -14.28 4.50
C ARG A 199 10.40 -15.74 4.97
N SER A 200 10.70 -16.68 4.05
CA SER A 200 10.65 -18.11 4.34
C SER A 200 11.57 -18.44 5.49
N TRP A 201 12.59 -17.60 5.75
CA TRP A 201 13.50 -17.97 6.83
C TRP A 201 12.78 -18.00 8.19
N TYR A 202 11.61 -17.34 8.34
CA TYR A 202 10.93 -17.26 9.63
C TYR A 202 9.98 -18.47 9.79
N ASN A 203 9.80 -19.23 8.70
CA ASN A 203 9.02 -20.47 8.73
C ASN A 203 7.72 -20.25 9.52
N SER A 204 7.03 -19.20 9.14
CA SER A 204 5.79 -18.82 9.79
C SER A 204 4.80 -18.45 8.68
N PRO A 205 3.66 -19.15 8.50
CA PRO A 205 2.70 -18.67 7.50
C PRO A 205 2.03 -17.33 7.83
N THR A 206 1.96 -16.90 9.09
CA THR A 206 1.28 -15.63 9.29
C THR A 206 2.34 -14.56 9.66
N PHE A 207 3.59 -14.71 9.17
CA PHE A 207 4.69 -13.76 9.46
C PHE A 207 4.24 -12.31 9.26
N GLU A 208 3.78 -11.94 8.08
CA GLU A 208 3.45 -10.52 7.85
C GLU A 208 2.30 -9.99 8.72
N ASP A 209 1.20 -10.76 8.88
CA ASP A 209 0.14 -10.38 9.81
C ASP A 209 0.66 -10.29 11.25
N ASP A 210 1.53 -11.23 11.66
CA ASP A 210 2.05 -11.18 13.03
C ASP A 210 2.82 -9.89 13.29
N LEU A 211 3.64 -9.50 12.30
CA LEU A 211 4.44 -8.30 12.42
C LEU A 211 3.53 -7.08 12.45
N GLU A 212 2.47 -7.03 11.60
CA GLU A 212 1.54 -5.88 11.62
C GLU A 212 0.90 -5.76 13.00
N HIS A 213 0.60 -6.91 13.64
CA HIS A 213 -0.06 -6.90 14.93
C HIS A 213 0.84 -6.31 16.00
N LEU A 214 2.13 -6.74 15.99
CA LEU A 214 3.21 -6.21 16.81
C LEU A 214 3.27 -4.70 16.62
N TYR A 215 3.47 -4.25 15.37
CA TYR A 215 3.51 -2.80 15.11
C TYR A 215 2.29 -2.06 15.71
N GLN A 216 1.06 -2.60 15.58
CA GLN A 216 -0.11 -1.93 16.15
C GLN A 216 0.01 -1.68 17.65
N GLN A 217 0.60 -2.61 18.41
CA GLN A 217 0.72 -2.42 19.84
C GLN A 217 1.82 -1.41 20.17
N LEU A 218 2.83 -1.31 19.30
CA LEU A 218 3.98 -0.42 19.55
C LEU A 218 3.76 1.03 19.06
N GLU A 219 2.93 1.18 18.02
CA GLU A 219 2.75 2.47 17.34
C GLU A 219 2.44 3.62 18.31
N PRO A 220 1.56 3.46 19.32
CA PRO A 220 1.28 4.59 20.21
C PRO A 220 2.53 5.05 20.96
N LEU A 221 3.47 4.14 21.31
CA LEU A 221 4.66 4.60 22.02
C LEU A 221 5.47 5.49 21.06
N TYR A 222 5.57 5.05 19.79
CA TYR A 222 6.33 5.81 18.80
C TYR A 222 5.66 7.16 18.57
N LEU A 223 4.34 7.19 18.47
CA LEU A 223 3.65 8.45 18.18
C LEU A 223 3.91 9.46 19.31
N ASN A 224 3.90 9.01 20.57
CA ASN A 224 4.06 9.92 21.71
C ASN A 224 5.53 10.35 21.81
N LEU A 225 6.44 9.42 21.44
CA LEU A 225 7.85 9.83 21.49
C LEU A 225 8.11 10.87 20.38
N HIS A 226 7.49 10.63 19.20
CA HIS A 226 7.65 11.52 18.04
C HIS A 226 7.14 12.95 18.37
N ALA A 227 5.98 13.01 18.99
CA ALA A 227 5.31 14.31 19.31
C ALA A 227 6.16 15.11 20.30
N PHE A 228 6.78 14.42 21.25
CA PHE A 228 7.54 15.06 22.29
C PHE A 228 8.84 15.57 21.68
N VAL A 229 9.48 14.78 20.79
CA VAL A 229 10.72 15.26 20.18
C VAL A 229 10.42 16.40 19.20
N ARG A 230 9.33 16.29 18.47
CA ARG A 230 8.90 17.33 17.53
C ARG A 230 8.81 18.68 18.27
N ARG A 231 8.19 18.66 19.47
CA ARG A 231 8.06 19.84 20.34
C ARG A 231 9.45 20.41 20.69
N ALA A 232 10.41 19.56 21.10
CA ALA A 232 11.75 20.06 21.42
C ALA A 232 12.41 20.66 20.20
N LEU A 233 12.21 20.03 19.03
CA LEU A 233 12.83 20.56 17.83
C LEU A 233 12.22 21.90 17.51
N HIS A 234 10.91 22.00 17.74
CA HIS A 234 10.20 23.26 17.43
C HIS A 234 10.79 24.43 18.26
N ARG A 235 11.04 24.18 19.56
CA ARG A 235 11.54 25.25 20.42
C ARG A 235 12.93 25.68 19.97
N ARG A 236 13.70 24.78 19.33
CA ARG A 236 15.05 25.08 18.89
C ARG A 236 15.10 25.62 17.46
N TYR A 237 14.31 25.06 16.52
CA TYR A 237 14.43 25.45 15.12
C TYR A 237 13.37 26.48 14.73
N GLY A 238 12.31 26.62 15.54
CA GLY A 238 11.21 27.52 15.23
C GLY A 238 10.21 27.04 14.16
N ASP A 239 9.17 27.86 14.01
CA ASP A 239 7.95 27.51 13.33
C ASP A 239 8.18 27.43 11.82
N ARG A 240 9.23 28.04 11.31
CA ARG A 240 9.42 27.97 9.88
C ARG A 240 9.87 26.56 9.41
N TYR A 241 10.64 25.85 10.25
CA TYR A 241 11.26 24.58 9.86
C TYR A 241 10.64 23.39 10.56
N ILE A 242 9.83 23.61 11.62
CA ILE A 242 9.15 22.55 12.36
C ILE A 242 7.67 22.84 12.35
N ASN A 243 6.86 21.88 11.94
CA ASN A 243 5.41 22.02 11.89
C ASN A 243 4.87 21.05 12.93
N LEU A 244 4.31 21.61 14.01
CA LEU A 244 3.84 20.85 15.15
C LEU A 244 2.67 19.95 14.75
N ARG A 245 2.18 20.04 13.52
CA ARG A 245 1.17 19.08 13.09
C ARG A 245 1.59 18.31 11.83
N GLY A 246 2.88 18.40 11.46
CA GLY A 246 3.33 17.84 10.20
C GLY A 246 4.49 16.86 10.48
N PRO A 247 5.04 16.22 9.44
CA PRO A 247 6.15 15.28 9.64
C PRO A 247 7.40 16.08 10.02
N ILE A 248 8.37 15.41 10.64
CA ILE A 248 9.57 16.12 11.11
C ILE A 248 10.51 16.12 9.92
N PRO A 249 11.23 17.22 9.53
CA PRO A 249 12.32 17.09 8.56
C PRO A 249 13.31 15.94 8.87
N ALA A 250 13.67 15.14 7.83
CA ALA A 250 14.27 13.83 8.03
C ALA A 250 15.75 13.96 8.43
N HIS A 251 16.30 15.18 8.48
CA HIS A 251 17.69 15.40 8.81
C HIS A 251 17.96 15.93 10.23
N LEU A 252 16.96 16.02 11.10
CA LEU A 252 17.19 16.70 12.37
C LEU A 252 17.26 15.75 13.56
N LEU A 253 17.33 14.43 13.30
CA LEU A 253 17.05 13.47 14.35
C LEU A 253 18.31 12.78 14.84
N GLY A 254 19.51 13.25 14.41
CA GLY A 254 20.71 12.69 15.00
C GLY A 254 21.43 11.66 14.13
N ASP A 255 20.83 11.32 12.98
CA ASP A 255 21.17 10.12 12.25
C ASP A 255 20.79 10.37 10.76
N MET A 256 21.66 9.98 9.84
CA MET A 256 21.41 10.06 8.39
C MET A 256 20.03 9.48 7.98
N TRP A 257 19.55 8.43 8.61
CA TRP A 257 18.30 7.78 8.20
C TRP A 257 17.17 8.11 9.15
N ALA A 258 17.46 8.97 10.11
CA ALA A 258 16.56 9.25 11.25
C ALA A 258 16.13 7.94 11.93
N GLN A 259 17.01 6.96 12.00
CA GLN A 259 16.50 5.63 12.34
C GLN A 259 16.66 5.41 13.84
N SER A 260 17.58 6.12 14.43
CA SER A 260 17.49 6.17 15.87
C SER A 260 17.94 7.56 16.33
N TRP A 261 17.40 7.98 17.48
CA TRP A 261 17.46 9.41 17.76
C TRP A 261 18.35 9.71 18.95
N GLU A 262 19.13 8.71 19.38
CA GLU A 262 19.92 8.84 20.61
C GLU A 262 20.82 10.07 20.58
N ASN A 263 21.31 10.44 19.39
CA ASN A 263 22.29 11.51 19.21
C ASN A 263 21.67 12.89 19.57
N ILE A 264 20.32 13.05 19.70
CA ILE A 264 19.76 14.36 20.06
C ILE A 264 19.27 14.31 21.50
N TYR A 265 19.64 13.27 22.24
CA TYR A 265 19.24 13.20 23.66
C TYR A 265 19.52 14.54 24.38
N ASP A 266 20.65 15.19 24.03
CA ASP A 266 21.04 16.36 24.79
C ASP A 266 20.07 17.50 24.56
N MET A 267 19.19 17.40 23.54
CA MET A 267 18.22 18.45 23.27
C MET A 267 16.89 18.10 23.91
N VAL A 268 16.64 16.83 24.31
CA VAL A 268 15.29 16.48 24.76
C VAL A 268 15.31 15.97 26.22
N VAL A 269 16.48 15.89 26.87
CA VAL A 269 16.62 15.29 28.21
C VAL A 269 15.63 15.93 29.20
N PRO A 270 14.71 15.15 29.82
CA PRO A 270 13.66 15.73 30.63
C PRO A 270 14.23 16.45 31.87
N PHE A 271 15.21 15.85 32.54
CA PHE A 271 15.66 16.40 33.81
C PHE A 271 17.16 16.63 33.73
N PRO A 272 17.59 17.78 33.18
CA PRO A 272 19.01 18.07 33.09
C PRO A 272 19.87 18.10 34.35
N ASP A 273 19.35 18.31 35.57
CA ASP A 273 20.39 18.29 36.59
C ASP A 273 20.57 16.92 37.24
N LYS A 274 20.02 15.89 36.59
CA LYS A 274 20.29 14.50 36.96
C LYS A 274 21.58 14.09 36.28
N PRO A 275 22.17 12.93 36.58
CA PRO A 275 23.45 12.56 35.95
C PRO A 275 23.36 12.54 34.41
N ASN A 276 24.43 12.96 33.72
CA ASN A 276 24.44 13.04 32.27
C ASN A 276 24.63 11.61 31.72
N LEU A 277 23.62 11.01 31.08
CA LEU A 277 23.68 9.59 30.75
C LEU A 277 24.44 9.31 29.45
N ASP A 278 24.82 10.33 28.72
CA ASP A 278 25.65 10.11 27.55
C ASP A 278 27.12 10.22 27.98
N VAL A 279 27.80 9.08 28.05
CA VAL A 279 29.12 9.08 28.66
C VAL A 279 30.22 9.31 27.61
N THR A 280 29.84 9.71 26.39
CA THR A 280 30.87 9.97 25.38
C THR A 280 31.98 10.89 25.93
N SER A 281 31.59 12.00 26.55
CA SER A 281 32.60 12.98 26.98
C SER A 281 33.53 12.35 28.01
N THR A 282 32.97 11.47 28.85
CA THR A 282 33.79 10.79 29.83
C THR A 282 34.73 9.82 29.12
N MET A 283 34.25 9.16 28.07
CA MET A 283 35.15 8.22 27.41
C MET A 283 36.36 8.98 26.83
N LEU A 284 36.12 10.11 26.14
CA LEU A 284 37.20 10.89 25.53
C LEU A 284 38.17 11.37 26.61
N GLN A 285 37.65 12.12 27.60
CA GLN A 285 38.36 12.63 28.77
C GLN A 285 39.28 11.55 29.31
N GLN A 286 38.78 10.31 29.42
CA GLN A 286 39.59 9.24 29.96
C GLN A 286 40.49 8.61 28.89
N GLY A 287 40.43 9.10 27.63
CA GLY A 287 41.31 8.53 26.58
C GLY A 287 40.98 7.11 26.10
N TRP A 288 39.68 6.74 26.01
CA TRP A 288 39.32 5.43 25.48
C TRP A 288 39.70 5.42 24.00
N GLN A 289 40.12 4.26 23.49
CA GLN A 289 40.20 4.02 22.07
C GLN A 289 39.44 2.76 21.68
N ALA A 290 39.40 2.47 20.34
CA ALA A 290 38.77 1.25 19.79
C ALA A 290 39.13 0.03 20.64
N THR A 291 40.43 -0.20 20.81
CA THR A 291 40.92 -1.37 21.56
C THR A 291 40.21 -1.53 22.91
N HIS A 292 40.08 -0.44 23.66
CA HIS A 292 39.53 -0.56 25.02
C HIS A 292 38.06 -0.94 24.87
N MET A 293 37.41 -0.39 23.84
CA MET A 293 35.97 -0.64 23.67
C MET A 293 35.73 -2.13 23.45
N PHE A 294 36.51 -2.71 22.52
CA PHE A 294 36.29 -4.12 22.24
C PHE A 294 36.65 -4.99 23.47
N ARG A 295 37.67 -4.58 24.25
CA ARG A 295 38.09 -5.42 25.37
C ARG A 295 37.05 -5.35 26.49
N VAL A 296 36.40 -4.20 26.64
CA VAL A 296 35.37 -4.12 27.69
C VAL A 296 34.14 -4.92 27.28
N ALA A 297 33.80 -4.97 25.99
CA ALA A 297 32.67 -5.78 25.52
C ALA A 297 33.04 -7.23 25.75
N GLU A 298 34.27 -7.58 25.33
CA GLU A 298 34.72 -8.96 25.50
C GLU A 298 34.51 -9.41 26.94
N GLU A 299 34.88 -8.50 27.86
CA GLU A 299 34.97 -8.85 29.27
C GLU A 299 33.58 -9.08 29.84
N PHE A 300 32.55 -8.31 29.37
CA PHE A 300 31.15 -8.66 29.63
C PHE A 300 30.85 -10.12 29.27
N PHE A 301 31.21 -10.53 28.05
CA PHE A 301 30.91 -11.88 27.60
C PHE A 301 31.60 -12.94 28.49
N THR A 302 32.90 -12.75 28.83
CA THR A 302 33.57 -13.72 29.71
C THR A 302 33.00 -13.61 31.13
N SER A 303 32.44 -12.44 31.53
CA SER A 303 31.84 -12.35 32.87
C SER A 303 30.67 -13.36 32.95
N LEU A 304 30.08 -13.70 31.78
CA LEU A 304 28.92 -14.60 31.70
C LEU A 304 29.35 -16.05 31.50
N GLU A 305 30.69 -16.24 31.42
CA GLU A 305 31.34 -17.48 31.00
C GLU A 305 30.99 -17.83 29.58
N LEU A 306 30.86 -16.81 28.73
CA LEU A 306 30.88 -17.09 27.30
C LEU A 306 32.34 -16.99 26.85
N SER A 307 32.64 -17.23 25.55
CA SER A 307 34.03 -17.33 25.12
C SER A 307 34.63 -15.94 24.95
N PRO A 308 35.94 -15.81 25.20
CA PRO A 308 36.68 -14.59 24.87
C PRO A 308 36.87 -14.53 23.35
N MET A 309 37.16 -13.37 22.78
CA MET A 309 37.59 -13.30 21.39
C MET A 309 38.95 -14.00 21.23
N PRO A 310 39.09 -14.97 20.29
CA PRO A 310 40.36 -15.64 20.06
C PRO A 310 41.49 -14.79 19.50
N PRO A 311 42.75 -15.28 19.57
CA PRO A 311 43.87 -14.50 19.05
C PRO A 311 43.66 -14.10 17.60
N GLU A 312 43.16 -15.03 16.78
CA GLU A 312 42.91 -14.70 15.38
C GLU A 312 41.96 -13.51 15.20
N PHE A 313 41.02 -13.33 16.14
CA PHE A 313 40.14 -12.17 16.05
C PHE A 313 40.97 -10.90 16.27
N TRP A 314 41.84 -10.96 17.28
CA TRP A 314 42.64 -9.76 17.58
C TRP A 314 43.64 -9.47 16.47
N GLU A 315 44.33 -10.51 15.95
CA GLU A 315 45.36 -10.36 14.90
C GLU A 315 44.74 -9.87 13.58
N GLY A 316 43.50 -10.29 13.27
CA GLY A 316 43.02 -10.03 11.91
C GLY A 316 42.00 -8.90 11.74
N SER A 317 41.35 -8.48 12.85
CA SER A 317 40.22 -7.58 12.78
C SER A 317 40.69 -6.22 12.29
N MET A 318 39.76 -5.44 11.75
CA MET A 318 40.02 -4.07 11.43
C MET A 318 39.18 -3.20 12.37
N LEU A 319 39.84 -2.55 13.35
CA LEU A 319 39.12 -2.00 14.50
C LEU A 319 39.06 -0.49 14.42
N GLU A 320 39.79 0.07 13.44
CA GLU A 320 39.72 1.50 13.20
C GLU A 320 39.79 1.71 11.71
N LYS A 321 39.33 2.88 11.28
CA LYS A 321 39.52 3.22 9.88
C LYS A 321 41.01 3.36 9.59
N PRO A 322 41.53 2.73 8.52
CA PRO A 322 42.96 2.84 8.18
C PRO A 322 43.36 4.26 7.83
N ALA A 323 44.50 4.71 8.33
CA ALA A 323 44.95 6.10 8.18
C ALA A 323 45.70 6.33 6.87
N ASP A 324 46.06 5.24 6.17
CA ASP A 324 46.74 5.34 4.88
C ASP A 324 45.74 5.82 3.84
N GLY A 325 44.52 6.12 4.31
CA GLY A 325 43.36 6.46 3.51
C GLY A 325 43.00 5.44 2.42
N ARG A 326 43.44 4.16 2.47
CA ARG A 326 42.91 3.16 1.54
C ARG A 326 41.38 3.21 1.65
N GLU A 327 40.67 2.97 0.56
CA GLU A 327 39.21 2.88 0.65
C GLU A 327 38.79 1.58 1.31
N VAL A 328 37.88 1.72 2.31
CA VAL A 328 37.33 0.56 3.01
C VAL A 328 35.82 0.72 3.04
N VAL A 329 35.09 -0.36 3.33
CA VAL A 329 33.69 -0.28 3.71
C VAL A 329 33.69 -0.08 5.22
N CYS A 330 33.33 1.11 5.66
CA CYS A 330 33.35 1.45 7.06
C CYS A 330 32.20 0.82 7.85
N HIS A 331 31.05 0.54 7.18
CA HIS A 331 29.85 0.02 7.85
C HIS A 331 30.22 -1.20 8.67
N ALA A 332 29.98 -1.16 10.00
CA ALA A 332 30.44 -2.22 10.90
C ALA A 332 29.90 -3.59 10.52
N SER A 333 30.74 -4.63 10.61
CA SER A 333 30.27 -5.98 10.28
C SER A 333 31.09 -7.07 10.95
N ALA A 334 30.45 -8.22 11.14
CA ALA A 334 31.05 -9.36 11.84
C ALA A 334 31.22 -10.51 10.86
N TRP A 335 32.36 -11.19 10.93
CA TRP A 335 32.73 -12.06 9.83
C TRP A 335 33.08 -13.44 10.37
N ASP A 336 32.46 -14.46 9.80
CA ASP A 336 32.74 -15.86 10.04
C ASP A 336 33.47 -16.35 8.77
N PHE A 337 34.74 -16.81 8.89
CA PHE A 337 35.47 -17.36 7.75
C PHE A 337 35.09 -18.81 7.45
N TYR A 338 34.25 -19.44 8.28
CA TYR A 338 33.83 -20.81 8.05
C TYR A 338 34.96 -21.84 8.21
N ASN A 339 36.07 -21.47 8.83
CA ASN A 339 37.13 -22.47 9.00
C ASN A 339 37.23 -22.85 10.47
N ARG A 340 36.29 -22.35 11.30
CA ARG A 340 36.20 -22.56 12.74
C ARG A 340 37.37 -21.95 13.52
N LYS A 341 38.14 -21.06 12.88
CA LYS A 341 39.31 -20.42 13.49
C LYS A 341 39.29 -18.89 13.29
N ASP A 342 39.05 -18.44 12.06
CA ASP A 342 39.06 -17.02 11.78
C ASP A 342 37.67 -16.39 11.96
N PHE A 343 37.63 -15.35 12.78
CA PHE A 343 36.42 -14.60 13.09
C PHE A 343 36.94 -13.19 13.28
N ARG A 344 36.31 -12.20 12.64
CA ARG A 344 36.82 -10.84 12.78
C ARG A 344 35.71 -9.81 12.76
N ILE A 345 36.00 -8.62 13.29
CA ILE A 345 35.10 -7.49 13.13
C ILE A 345 35.84 -6.49 12.26
N LYS A 346 35.06 -5.84 11.40
CA LYS A 346 35.54 -4.77 10.56
C LYS A 346 34.68 -3.57 10.92
N GLN A 347 35.24 -2.63 11.70
CA GLN A 347 34.50 -1.42 12.09
C GLN A 347 35.44 -0.22 12.07
N CYS A 348 34.96 0.89 11.50
CA CYS A 348 35.66 2.16 11.62
C CYS A 348 35.29 2.79 12.96
N THR A 349 35.74 2.17 14.05
CA THR A 349 35.23 2.53 15.37
C THR A 349 35.54 4.00 15.67
N ARG A 350 34.54 4.72 16.20
CA ARG A 350 34.66 6.04 16.81
C ARG A 350 34.38 5.93 18.31
N VAL A 351 35.07 6.74 19.10
CA VAL A 351 34.97 6.70 20.54
C VAL A 351 33.75 7.47 20.99
N THR A 352 32.62 6.75 21.07
CA THR A 352 31.32 7.36 21.40
C THR A 352 30.50 6.31 22.13
N MET A 353 29.47 6.74 22.85
CA MET A 353 28.70 5.78 23.62
C MET A 353 27.89 4.89 22.65
N ASP A 354 27.26 5.45 21.60
CA ASP A 354 26.51 4.57 20.68
C ASP A 354 27.44 3.58 19.96
N GLN A 355 28.71 3.93 19.77
CA GLN A 355 29.70 3.07 19.13
C GLN A 355 30.09 1.95 20.06
N LEU A 356 30.07 2.19 21.38
CA LEU A 356 30.28 1.13 22.34
C LEU A 356 29.14 0.11 22.21
N SER A 357 27.92 0.62 22.03
CA SER A 357 26.84 -0.35 21.76
C SER A 357 27.07 -1.10 20.44
N THR A 358 27.47 -0.41 19.36
CA THR A 358 27.63 -1.10 18.09
C THR A 358 28.72 -2.16 18.25
N VAL A 359 29.80 -1.84 18.99
CA VAL A 359 30.82 -2.84 19.31
C VAL A 359 30.20 -4.10 19.94
N HIS A 360 29.27 -3.94 20.93
CA HIS A 360 28.55 -5.05 21.54
C HIS A 360 27.68 -5.80 20.53
N HIS A 361 27.02 -5.05 19.65
CA HIS A 361 26.17 -5.58 18.61
C HIS A 361 27.02 -6.53 17.73
N GLU A 362 28.15 -6.03 17.24
CA GLU A 362 28.95 -6.85 16.31
C GLU A 362 29.54 -8.05 17.08
N MET A 363 29.87 -7.85 18.35
CA MET A 363 30.53 -8.93 19.09
C MET A 363 29.51 -10.01 19.43
N GLY A 364 28.23 -9.65 19.53
CA GLY A 364 27.17 -10.63 19.67
C GLY A 364 27.10 -11.61 18.47
N HIS A 365 27.34 -11.10 17.27
CA HIS A 365 27.43 -11.96 16.07
C HIS A 365 28.64 -12.90 16.23
N ILE A 366 29.81 -12.34 16.62
CA ILE A 366 31.01 -13.14 16.76
C ILE A 366 30.76 -14.27 17.74
N GLN A 367 30.09 -13.93 18.85
CA GLN A 367 29.87 -14.90 19.90
C GLN A 367 29.02 -16.05 19.36
N TYR A 368 27.97 -15.75 18.56
CA TYR A 368 27.17 -16.83 18.01
C TYR A 368 28.08 -17.71 17.15
N TYR A 369 28.95 -17.06 16.37
CA TYR A 369 29.79 -17.84 15.46
C TYR A 369 30.71 -18.78 16.26
N LEU A 370 31.29 -18.27 17.34
CA LEU A 370 32.14 -19.07 18.23
C LEU A 370 31.38 -20.26 18.82
N GLN A 371 30.17 -20.02 19.28
CA GLN A 371 29.36 -21.06 19.90
C GLN A 371 28.86 -22.14 18.93
N TYR A 372 28.61 -21.85 17.66
CA TYR A 372 28.03 -22.89 16.79
C TYR A 372 29.06 -23.44 15.79
N LYS A 373 30.37 -23.17 16.01
CA LYS A 373 31.36 -23.37 14.95
C LYS A 373 31.45 -24.85 14.56
N ASP A 374 31.05 -25.73 15.49
CA ASP A 374 31.14 -27.16 15.29
C ASP A 374 29.85 -27.76 14.71
N LEU A 375 28.88 -26.91 14.43
CA LEU A 375 27.70 -27.39 13.72
C LEU A 375 28.10 -27.67 12.29
N PRO A 376 27.31 -28.49 11.57
CA PRO A 376 27.45 -28.59 10.12
C PRO A 376 27.26 -27.20 9.55
N VAL A 377 28.05 -26.87 8.51
CA VAL A 377 28.09 -25.56 7.88
C VAL A 377 26.67 -25.02 7.64
N SER A 378 25.72 -25.79 7.08
CA SER A 378 24.37 -25.32 6.75
C SER A 378 23.61 -24.76 7.95
N LEU A 379 23.96 -25.24 9.13
CA LEU A 379 23.25 -24.89 10.36
C LEU A 379 23.99 -23.83 11.17
N ARG A 380 25.10 -23.28 10.65
CA ARG A 380 25.77 -22.17 11.35
C ARG A 380 25.07 -20.86 11.02
N ARG A 381 23.87 -20.68 11.59
CA ARG A 381 23.12 -19.45 11.39
C ARG A 381 22.35 -19.20 12.67
N GLY A 382 21.67 -18.06 12.82
CA GLY A 382 20.92 -17.91 14.06
C GLY A 382 19.63 -18.72 13.92
N ALA A 383 18.87 -18.90 14.99
CA ALA A 383 17.66 -19.69 14.89
C ALA A 383 16.68 -19.04 13.89
N ASN A 384 16.60 -17.71 13.87
CA ASN A 384 16.18 -16.97 12.67
C ASN A 384 17.13 -15.75 12.62
N PRO A 385 17.18 -14.98 11.50
CA PRO A 385 18.10 -13.81 11.42
C PRO A 385 17.88 -12.81 12.58
N GLY A 386 16.65 -12.71 13.07
CA GLY A 386 16.45 -11.75 14.17
C GLY A 386 17.16 -12.17 15.47
N PHE A 387 17.36 -13.48 15.68
CA PHE A 387 18.11 -13.89 16.87
C PHE A 387 19.57 -13.46 16.77
N HIS A 388 20.19 -13.56 15.59
CA HIS A 388 21.58 -13.17 15.42
C HIS A 388 21.67 -11.68 15.74
N GLU A 389 20.70 -10.89 15.25
CA GLU A 389 20.74 -9.45 15.52
C GLU A 389 20.50 -9.11 17.02
N ALA A 390 19.90 -10.00 17.81
CA ALA A 390 19.55 -9.59 19.18
C ALA A 390 20.65 -9.81 20.24
N ILE A 391 21.68 -10.62 19.95
CA ILE A 391 22.51 -11.19 21.01
C ILE A 391 23.29 -10.03 21.66
N GLY A 392 24.00 -9.25 20.84
CA GLY A 392 24.85 -8.18 21.35
C GLY A 392 23.99 -7.09 21.97
N ASP A 393 22.78 -6.84 21.38
CA ASP A 393 21.94 -5.77 21.89
C ASP A 393 21.45 -6.10 23.32
N VAL A 394 21.16 -7.36 23.59
CA VAL A 394 20.75 -7.78 24.93
C VAL A 394 21.84 -7.46 25.94
N LEU A 395 23.09 -7.84 25.67
CA LEU A 395 24.12 -7.45 26.64
C LEU A 395 24.20 -5.94 26.74
N ALA A 396 24.15 -5.23 25.58
CA ALA A 396 24.22 -3.77 25.62
C ALA A 396 23.10 -3.14 26.47
N LEU A 397 21.92 -3.72 26.51
CA LEU A 397 20.90 -3.25 27.46
C LEU A 397 21.40 -3.20 28.91
N SER A 398 22.10 -4.25 29.37
CA SER A 398 22.69 -4.25 30.71
C SER A 398 23.80 -3.19 30.77
N VAL A 399 24.62 -3.08 29.72
CA VAL A 399 25.79 -2.22 29.79
C VAL A 399 25.39 -0.75 29.93
N SER A 400 24.25 -0.38 29.36
CA SER A 400 23.90 1.02 29.27
C SER A 400 23.27 1.49 30.60
N THR A 401 22.90 0.55 31.47
CA THR A 401 22.20 0.98 32.68
C THR A 401 23.12 1.92 33.45
N PRO A 402 22.62 2.99 34.14
CA PRO A 402 23.50 3.77 35.02
C PRO A 402 24.39 3.07 36.05
N GLU A 403 23.82 2.07 36.74
CA GLU A 403 24.58 1.27 37.68
C GLU A 403 25.70 0.51 36.93
N HIS A 404 25.42 -0.11 35.77
CA HIS A 404 26.55 -0.78 35.13
C HIS A 404 27.66 0.22 34.76
N LEU A 405 27.27 1.37 34.21
CA LEU A 405 28.23 2.35 33.72
C LEU A 405 29.05 2.85 34.93
N HIS A 406 28.37 2.93 36.08
CA HIS A 406 29.11 3.27 37.29
C HIS A 406 30.18 2.20 37.57
N LYS A 407 29.85 0.91 37.46
CA LYS A 407 30.87 -0.13 37.68
C LYS A 407 32.09 -0.03 36.75
N ILE A 408 31.96 0.43 35.50
CA ILE A 408 33.10 0.47 34.59
C ILE A 408 33.74 1.86 34.47
N GLY A 409 33.46 2.69 35.49
CA GLY A 409 34.08 4.00 35.63
C GLY A 409 33.50 5.04 34.70
N LEU A 410 32.30 4.81 34.19
CA LEU A 410 31.88 5.76 33.16
C LEU A 410 30.82 6.76 33.65
N LEU A 411 30.39 6.61 34.92
CA LEU A 411 29.36 7.48 35.43
C LEU A 411 29.58 7.54 36.92
N ASP A 412 30.20 8.65 37.35
CA ASP A 412 30.60 8.81 38.73
C ASP A 412 29.39 8.93 39.66
N ARG A 413 28.41 9.75 39.29
CA ARG A 413 27.25 9.93 40.16
C ARG A 413 26.23 8.78 40.04
N VAL A 414 25.64 8.38 41.17
CA VAL A 414 24.61 7.35 41.20
C VAL A 414 23.29 7.97 41.74
N THR A 415 22.14 7.64 41.17
CA THR A 415 20.88 8.18 41.67
C THR A 415 19.84 7.09 41.46
N ASN A 416 18.85 7.02 42.33
CA ASN A 416 17.76 6.11 42.02
C ASN A 416 16.45 6.84 42.32
N ASP A 417 15.96 7.68 41.39
CA ASP A 417 14.76 8.43 41.66
C ASP A 417 13.95 8.44 40.39
N THR A 418 12.72 8.96 40.45
CA THR A 418 11.78 8.82 39.35
C THR A 418 12.23 9.71 38.18
N GLU A 419 12.98 10.79 38.48
CA GLU A 419 13.44 11.67 37.39
C GLU A 419 14.58 10.99 36.59
N SER A 420 15.53 10.39 37.30
CA SER A 420 16.65 9.71 36.70
C SER A 420 16.13 8.53 35.87
N ASP A 421 15.11 7.82 36.37
CA ASP A 421 14.52 6.74 35.60
C ASP A 421 13.95 7.26 34.28
N ILE A 422 13.22 8.38 34.34
CA ILE A 422 12.60 8.92 33.13
C ILE A 422 13.66 9.33 32.12
N ASN A 423 14.74 9.97 32.58
CA ASN A 423 15.83 10.31 31.69
C ASN A 423 16.37 9.08 30.99
N TYR A 424 16.63 8.03 31.77
CA TYR A 424 17.20 6.81 31.19
C TYR A 424 16.24 6.17 30.21
N LEU A 425 14.96 6.02 30.60
CA LEU A 425 14.00 5.40 29.69
C LEU A 425 13.75 6.20 28.40
N LEU A 426 13.79 7.52 28.53
CA LEU A 426 13.69 8.38 27.36
C LEU A 426 14.89 8.16 26.44
N LYS A 427 16.09 8.19 27.01
CA LYS A 427 17.26 7.95 26.19
C LYS A 427 17.13 6.60 25.46
N MET A 428 16.80 5.53 26.20
CA MET A 428 16.56 4.20 25.67
C MET A 428 15.47 4.22 24.58
N ALA A 429 14.42 5.01 24.81
CA ALA A 429 13.34 5.12 23.84
C ALA A 429 13.85 5.77 22.53
N LEU A 430 14.75 6.78 22.60
CA LEU A 430 15.29 7.38 21.38
C LEU A 430 16.03 6.34 20.52
N GLU A 431 16.67 5.39 21.22
CA GLU A 431 17.47 4.35 20.59
C GLU A 431 16.58 3.24 20.03
N LYS A 432 15.63 2.75 20.82
CA LYS A 432 14.88 1.53 20.59
C LYS A 432 13.51 1.81 19.96
N ILE A 433 12.78 2.84 20.45
N ILE A 433 12.80 2.83 20.48
CA ILE A 433 11.39 3.02 20.03
CA ILE A 433 11.42 3.05 20.06
C ILE A 433 11.31 3.83 18.75
C ILE A 433 11.42 3.72 18.70
N ALA A 434 12.21 4.81 18.58
CA ALA A 434 12.31 5.57 17.36
C ALA A 434 12.65 4.64 16.20
N PHE A 435 13.39 3.54 16.45
CA PHE A 435 13.89 2.68 15.36
C PHE A 435 12.76 1.81 14.82
N LEU A 436 11.77 1.47 15.69
CA LEU A 436 10.69 0.52 15.36
C LEU A 436 10.08 0.74 13.95
N PRO A 437 9.58 1.95 13.62
CA PRO A 437 8.93 2.13 12.35
C PRO A 437 9.92 1.96 11.22
N PHE A 438 11.15 2.39 11.43
CA PHE A 438 12.12 2.26 10.36
C PHE A 438 12.49 0.79 10.13
N GLY A 439 12.70 0.02 11.20
CA GLY A 439 13.01 -1.40 11.08
C GLY A 439 11.87 -2.16 10.43
N TYR A 440 10.61 -1.68 10.62
CA TYR A 440 9.46 -2.34 10.02
C TYR A 440 9.31 -1.95 8.55
N LEU A 441 9.55 -0.67 8.22
CA LEU A 441 9.23 -0.20 6.86
C LEU A 441 10.21 -0.63 5.77
N VAL A 442 11.49 -0.78 6.08
CA VAL A 442 12.45 -0.92 5.02
C VAL A 442 12.08 -2.09 4.11
N ASP A 443 11.85 -3.28 4.72
CA ASP A 443 11.48 -4.45 3.92
C ASP A 443 10.05 -4.37 3.39
N GLN A 444 9.10 -3.66 4.06
CA GLN A 444 7.87 -3.42 3.29
C GLN A 444 8.19 -2.82 1.91
N TRP A 445 9.06 -1.80 1.87
CA TRP A 445 9.41 -1.17 0.61
C TRP A 445 10.02 -2.24 -0.31
N ARG A 446 10.98 -3.02 0.20
CA ARG A 446 11.69 -3.92 -0.70
C ARG A 446 10.83 -5.11 -1.06
N TRP A 447 9.98 -5.58 -0.13
CA TRP A 447 9.06 -6.65 -0.54
C TRP A 447 8.17 -6.18 -1.71
N GLY A 448 7.71 -4.91 -1.70
CA GLY A 448 6.90 -4.41 -2.81
C GLY A 448 7.73 -4.31 -4.11
N VAL A 449 9.02 -3.98 -3.96
CA VAL A 449 9.86 -3.87 -5.17
C VAL A 449 10.04 -5.28 -5.76
N PHE A 450 10.36 -6.28 -4.90
CA PHE A 450 10.57 -7.62 -5.42
C PHE A 450 9.28 -8.18 -6.04
N SER A 451 8.15 -7.87 -5.44
CA SER A 451 6.87 -8.41 -5.93
C SER A 451 6.41 -7.68 -7.20
N GLY A 452 7.08 -6.59 -7.58
CA GLY A 452 6.56 -5.85 -8.73
C GLY A 452 5.48 -4.82 -8.34
N ARG A 453 5.00 -4.74 -7.12
CA ARG A 453 4.03 -3.70 -6.76
C ARG A 453 4.65 -2.30 -6.86
N THR A 454 5.94 -2.19 -6.51
CA THR A 454 6.70 -0.97 -6.68
C THR A 454 7.67 -1.15 -7.87
N PRO A 455 7.28 -0.71 -9.09
CA PRO A 455 8.14 -0.69 -10.24
C PRO A 455 9.17 0.42 -10.10
N PRO A 456 10.27 0.42 -10.88
CA PRO A 456 11.23 1.55 -10.79
C PRO A 456 10.58 2.95 -10.91
N SER A 457 9.43 3.06 -11.59
CA SER A 457 8.83 4.39 -11.83
C SER A 457 8.24 4.90 -10.49
N ARG A 458 8.08 4.00 -9.48
CA ARG A 458 7.64 4.44 -8.16
C ARG A 458 8.63 4.12 -7.01
N TYR A 459 9.95 3.84 -7.25
CA TYR A 459 10.81 3.55 -6.07
C TYR A 459 10.79 4.66 -5.01
N ASN A 460 10.90 5.96 -5.44
CA ASN A 460 11.07 7.05 -4.47
C ASN A 460 9.74 7.44 -3.85
N PHE A 461 8.71 7.51 -4.70
CA PHE A 461 7.36 7.84 -4.23
C PHE A 461 6.94 6.87 -3.12
N ASP A 462 7.17 5.56 -3.36
CA ASP A 462 6.70 4.54 -2.44
C ASP A 462 7.62 4.51 -1.23
N TRP A 463 8.90 4.85 -1.41
CA TRP A 463 9.80 5.00 -0.27
C TRP A 463 9.35 6.10 0.68
N TRP A 464 9.07 7.31 0.10
CA TRP A 464 8.64 8.38 0.97
C TRP A 464 7.21 8.23 1.50
N TYR A 465 6.35 7.50 0.74
CA TYR A 465 5.05 7.11 1.27
C TYR A 465 5.24 6.37 2.60
N LEU A 466 6.14 5.37 2.59
CA LEU A 466 6.28 4.52 3.77
C LEU A 466 7.02 5.30 4.86
N ARG A 467 8.00 6.12 4.46
CA ARG A 467 8.76 6.89 5.45
C ARG A 467 7.81 7.81 6.22
N THR A 468 6.88 8.47 5.53
CA THR A 468 6.00 9.43 6.20
C THR A 468 4.98 8.61 6.98
N LYS A 469 4.43 7.55 6.35
CA LYS A 469 3.38 6.71 6.97
C LYS A 469 3.85 6.19 8.32
N TYR A 470 5.10 5.69 8.40
CA TYR A 470 5.50 5.00 9.62
C TYR A 470 6.33 5.95 10.48
N GLN A 471 7.34 6.63 9.91
CA GLN A 471 8.23 7.40 10.80
C GLN A 471 7.72 8.85 10.97
N GLY A 472 6.80 9.31 10.15
CA GLY A 472 6.32 10.68 10.30
C GLY A 472 7.44 11.71 10.05
N ILE A 473 8.25 11.45 9.01
CA ILE A 473 9.26 12.38 8.57
C ILE A 473 9.01 12.77 7.11
N CYS A 474 9.68 13.84 6.70
CA CYS A 474 9.53 14.30 5.31
C CYS A 474 10.90 14.73 4.83
N PRO A 475 11.19 14.62 3.52
CA PRO A 475 12.53 14.94 3.02
C PRO A 475 12.66 16.46 3.10
N PRO A 476 13.82 16.99 3.54
CA PRO A 476 13.95 18.44 3.74
C PRO A 476 14.28 19.22 2.48
N VAL A 477 14.50 18.53 1.35
CA VAL A 477 14.46 19.17 0.03
C VAL A 477 13.55 18.33 -0.86
N THR A 478 13.06 18.88 -1.95
CA THR A 478 12.11 18.19 -2.81
C THR A 478 12.74 16.95 -3.44
N ARG A 479 11.97 15.88 -3.67
CA ARG A 479 12.63 14.73 -4.28
C ARG A 479 11.79 14.31 -5.45
N ASN A 480 12.41 13.63 -6.44
CA ASN A 480 11.63 13.11 -7.53
C ASN A 480 12.18 11.72 -7.87
N GLU A 481 11.74 11.10 -8.98
CA GLU A 481 12.12 9.72 -9.23
C GLU A 481 13.51 9.57 -9.85
N THR A 482 14.22 10.70 -10.02
CA THR A 482 15.63 10.61 -10.35
C THR A 482 16.39 10.27 -9.09
N HIS A 483 15.89 10.67 -7.91
CA HIS A 483 16.46 10.29 -6.62
C HIS A 483 16.09 8.82 -6.25
N PHE A 484 16.99 8.19 -5.50
CA PHE A 484 16.76 6.81 -5.12
C PHE A 484 17.15 6.70 -3.66
N ASP A 485 16.32 7.33 -2.79
CA ASP A 485 16.70 7.54 -1.39
C ASP A 485 16.83 6.26 -0.58
N ALA A 486 16.07 5.23 -0.96
CA ALA A 486 16.29 3.90 -0.38
C ALA A 486 17.74 3.44 -0.61
N GLY A 487 18.32 3.80 -1.76
CA GLY A 487 19.65 3.36 -2.15
C GLY A 487 20.72 3.98 -1.24
N ALA A 488 20.37 5.08 -0.59
CA ALA A 488 21.34 5.73 0.27
C ALA A 488 21.40 5.10 1.66
N LYS A 489 20.73 3.95 1.85
CA LYS A 489 20.85 3.21 3.11
C LYS A 489 21.67 1.92 2.87
N PHE A 490 22.74 1.68 3.64
CA PHE A 490 23.65 0.55 3.42
C PHE A 490 23.00 -0.75 2.93
N HIS A 491 22.07 -1.32 3.71
CA HIS A 491 21.53 -2.66 3.46
C HIS A 491 20.84 -2.82 2.08
N VAL A 492 20.45 -1.71 1.45
CA VAL A 492 19.78 -1.82 0.16
C VAL A 492 20.77 -2.19 -0.97
N PRO A 493 21.80 -1.38 -1.31
CA PRO A 493 22.82 -1.81 -2.27
C PRO A 493 23.58 -3.05 -1.79
N ASN A 494 23.70 -3.21 -0.47
CA ASN A 494 24.42 -4.38 0.04
C ASN A 494 23.59 -5.66 0.09
N VAL A 495 22.30 -5.54 -0.30
CA VAL A 495 21.40 -6.68 -0.32
C VAL A 495 21.39 -7.44 1.01
N THR A 496 21.30 -6.71 2.13
CA THR A 496 21.07 -7.34 3.43
C THR A 496 19.62 -7.10 3.83
N PRO A 497 18.84 -8.14 4.09
CA PRO A 497 17.48 -8.01 4.63
C PRO A 497 17.40 -7.16 5.89
N TYR A 498 16.21 -6.52 6.09
CA TYR A 498 16.10 -5.58 7.21
C TYR A 498 15.09 -6.03 8.29
N ILE A 499 14.09 -6.86 7.96
CA ILE A 499 13.02 -7.15 8.91
C ILE A 499 13.58 -7.83 10.16
N ARG A 500 14.73 -8.49 10.03
CA ARG A 500 15.51 -9.01 11.18
C ARG A 500 15.73 -8.01 12.31
N TYR A 501 15.88 -6.74 11.98
CA TYR A 501 16.19 -5.72 12.97
C TYR A 501 14.93 -5.30 13.68
N PHE A 502 13.79 -5.30 13.00
CA PHE A 502 12.49 -5.11 13.66
C PHE A 502 12.22 -6.26 14.64
N VAL A 503 12.46 -7.48 14.16
CA VAL A 503 12.21 -8.66 14.99
C VAL A 503 13.18 -8.60 16.18
N SER A 504 14.44 -8.23 15.88
N SER A 504 14.43 -8.21 15.94
CA SER A 504 15.44 -8.17 16.94
CA SER A 504 15.38 -8.23 17.04
C SER A 504 15.02 -7.17 18.04
C SER A 504 15.09 -7.14 18.09
N PHE A 505 14.50 -6.02 17.66
CA PHE A 505 14.18 -4.94 18.62
C PHE A 505 13.06 -5.33 19.57
N VAL A 506 12.14 -6.20 19.12
CA VAL A 506 11.17 -6.83 20.03
C VAL A 506 11.81 -7.97 20.82
N LEU A 507 12.52 -8.84 20.10
CA LEU A 507 12.95 -10.08 20.71
C LEU A 507 13.96 -9.76 21.81
N GLN A 508 14.78 -8.73 21.66
CA GLN A 508 15.86 -8.54 22.65
C GLN A 508 15.29 -8.26 24.05
N PHE A 509 14.04 -7.74 24.12
CA PHE A 509 13.43 -7.38 25.40
C PHE A 509 12.88 -8.65 26.04
N GLN A 510 12.41 -9.60 25.19
CA GLN A 510 12.04 -10.95 25.62
C GLN A 510 13.26 -11.67 26.17
N PHE A 511 14.38 -11.60 25.44
CA PHE A 511 15.64 -12.15 25.93
C PHE A 511 16.02 -11.55 27.28
N HIS A 512 15.99 -10.22 27.34
CA HIS A 512 16.48 -9.53 28.53
C HIS A 512 15.67 -9.95 29.74
N GLU A 513 14.33 -9.94 29.56
CA GLU A 513 13.43 -10.34 30.61
C GLU A 513 13.82 -11.71 31.16
N ALA A 514 13.96 -12.69 30.26
CA ALA A 514 14.25 -14.05 30.68
C ALA A 514 15.63 -14.17 31.32
N LEU A 515 16.65 -13.52 30.77
CA LEU A 515 17.98 -13.62 31.34
C LEU A 515 18.03 -13.00 32.75
N CYS A 516 17.41 -11.84 32.92
CA CYS A 516 17.31 -11.11 34.19
C CYS A 516 16.62 -11.97 35.24
N LYS A 517 15.56 -12.67 34.84
CA LYS A 517 14.89 -13.56 35.81
C LYS A 517 15.81 -14.70 36.17
N GLU A 518 16.47 -15.30 35.18
CA GLU A 518 17.37 -16.43 35.40
C GLU A 518 18.50 -16.01 36.31
N ALA A 519 18.89 -14.73 36.21
CA ALA A 519 20.05 -14.19 36.92
C ALA A 519 19.69 -14.02 38.40
N GLY A 520 18.42 -14.19 38.71
CA GLY A 520 17.94 -13.94 40.07
C GLY A 520 17.53 -12.48 40.33
N TYR A 521 17.51 -11.60 39.31
CA TYR A 521 17.22 -10.20 39.53
C TYR A 521 15.72 -9.98 39.79
N GLU A 522 15.44 -8.98 40.61
CA GLU A 522 14.10 -8.83 41.19
C GLU A 522 13.66 -7.37 41.29
N GLY A 523 14.45 -6.41 40.83
CA GLY A 523 13.87 -5.08 40.70
C GLY A 523 13.23 -4.79 39.31
N PRO A 524 13.06 -3.49 39.00
CA PRO A 524 12.49 -3.06 37.71
C PRO A 524 13.29 -3.59 36.51
N LEU A 525 12.58 -4.03 35.46
CA LEU A 525 13.21 -4.66 34.31
C LEU A 525 14.32 -3.80 33.70
N HIS A 526 14.11 -2.50 33.63
CA HIS A 526 15.05 -1.59 33.02
C HIS A 526 16.21 -1.20 33.94
N GLN A 527 16.23 -1.72 35.17
CA GLN A 527 17.41 -1.53 36.02
C GLN A 527 18.26 -2.80 36.14
N CYS A 528 17.82 -3.89 35.51
CA CYS A 528 18.57 -5.14 35.47
C CYS A 528 19.92 -4.99 34.77
N ASP A 529 20.98 -5.54 35.40
CA ASP A 529 22.28 -5.74 34.78
C ASP A 529 22.62 -7.23 34.93
N ILE A 530 22.80 -8.01 33.82
CA ILE A 530 23.11 -9.44 34.00
C ILE A 530 24.62 -9.69 34.14
N TYR A 531 25.42 -8.63 34.24
CA TYR A 531 26.87 -8.72 34.28
C TYR A 531 27.30 -9.70 35.37
N ARG A 532 28.21 -10.61 35.00
CA ARG A 532 28.74 -11.59 35.93
C ARG A 532 27.71 -12.64 36.34
N SER A 533 26.51 -12.66 35.73
CA SER A 533 25.61 -13.76 36.00
C SER A 533 25.95 -15.02 35.18
N THR A 534 26.46 -16.09 35.85
CA THR A 534 26.91 -17.26 35.09
C THR A 534 25.71 -18.14 34.69
N LYS A 535 24.62 -18.01 35.41
CA LYS A 535 23.38 -18.68 35.06
C LYS A 535 22.69 -18.02 33.87
N ALA A 536 22.71 -16.67 33.79
CA ALA A 536 22.20 -16.01 32.59
C ALA A 536 23.05 -16.49 31.42
N GLY A 537 24.37 -16.54 31.64
CA GLY A 537 25.31 -16.92 30.59
C GLY A 537 24.98 -18.29 29.99
N ALA A 538 24.67 -19.26 30.84
CA ALA A 538 24.37 -20.65 30.44
C ALA A 538 23.09 -20.67 29.62
N LYS A 539 22.07 -19.88 30.05
CA LYS A 539 20.82 -19.87 29.31
C LYS A 539 21.06 -19.24 27.92
N LEU A 540 21.88 -18.19 27.81
CA LEU A 540 22.17 -17.59 26.51
C LEU A 540 22.97 -18.57 25.64
N ARG A 541 23.96 -19.25 26.22
CA ARG A 541 24.80 -20.21 25.50
C ARG A 541 23.94 -21.31 24.85
N LYS A 542 22.88 -21.79 25.53
CA LYS A 542 22.05 -22.82 24.91
C LYS A 542 21.47 -22.33 23.57
N VAL A 543 20.96 -21.10 23.54
CA VAL A 543 20.54 -20.52 22.28
C VAL A 543 21.64 -20.54 21.22
N LEU A 544 22.80 -19.93 21.52
CA LEU A 544 23.87 -19.69 20.54
C LEU A 544 24.36 -21.02 19.97
N ARG A 545 24.47 -22.04 20.84
CA ARG A 545 24.96 -23.36 20.50
C ARG A 545 23.98 -24.03 19.55
N ALA A 546 22.66 -23.72 19.63
CA ALA A 546 21.68 -24.36 18.77
C ALA A 546 21.87 -23.95 17.28
N GLY A 547 22.50 -22.81 16.97
CA GLY A 547 22.55 -22.42 15.55
C GLY A 547 21.13 -22.47 14.93
N SER A 548 20.99 -22.92 13.68
CA SER A 548 19.68 -23.12 13.09
C SER A 548 19.34 -24.60 13.09
N SER A 549 19.81 -25.35 14.11
CA SER A 549 19.60 -26.80 14.03
C SER A 549 18.14 -27.09 14.37
N ARG A 550 17.48 -26.14 15.05
CA ARG A 550 16.14 -26.44 15.54
C ARG A 550 15.21 -25.27 15.23
N PRO A 551 13.90 -25.47 15.04
CA PRO A 551 12.92 -24.40 14.80
C PRO A 551 13.10 -23.30 15.84
N TRP A 552 13.05 -22.03 15.38
CA TRP A 552 13.31 -20.92 16.27
C TRP A 552 12.19 -20.81 17.32
N GLN A 553 10.96 -21.17 16.99
CA GLN A 553 9.86 -21.12 17.94
C GLN A 553 10.20 -21.96 19.17
N GLU A 554 10.83 -23.12 18.96
CA GLU A 554 11.08 -24.05 20.08
C GLU A 554 12.28 -23.57 20.88
N VAL A 555 13.29 -23.02 20.18
CA VAL A 555 14.43 -22.47 20.89
C VAL A 555 13.96 -21.34 21.81
N LEU A 556 13.09 -20.48 21.25
CA LEU A 556 12.53 -19.32 21.97
C LEU A 556 11.78 -19.85 23.18
N LYS A 557 10.97 -20.90 22.97
CA LYS A 557 10.15 -21.42 24.08
C LYS A 557 11.05 -21.96 25.21
N ASP A 558 12.10 -22.71 24.86
CA ASP A 558 13.01 -23.13 25.91
C ASP A 558 13.67 -21.92 26.57
N MET A 559 13.84 -20.80 25.86
CA MET A 559 14.60 -19.72 26.47
C MET A 559 13.69 -18.88 27.38
N VAL A 560 12.53 -18.50 26.87
CA VAL A 560 11.77 -17.44 27.56
C VAL A 560 10.43 -17.99 28.00
N GLY A 561 10.07 -19.19 27.54
CA GLY A 561 8.84 -19.82 27.99
C GLY A 561 7.65 -19.53 27.07
N LEU A 562 7.89 -18.92 25.90
CA LEU A 562 6.80 -18.73 24.96
C LEU A 562 7.35 -19.01 23.57
N ASP A 563 6.49 -19.43 22.63
CA ASP A 563 7.05 -19.82 21.34
C ASP A 563 6.79 -18.74 20.27
N ALA A 564 6.56 -17.48 20.66
CA ALA A 564 6.27 -16.42 19.67
C ALA A 564 6.96 -15.10 20.05
N LEU A 565 7.23 -14.25 19.05
CA LEU A 565 7.49 -12.82 19.29
C LEU A 565 6.38 -12.22 20.15
N ASP A 566 6.74 -11.42 21.13
CA ASP A 566 5.76 -10.80 22.00
C ASP A 566 6.26 -9.42 22.43
N ALA A 567 5.44 -8.37 22.26
CA ALA A 567 5.76 -6.97 22.63
C ALA A 567 5.69 -6.68 24.14
N GLN A 568 5.06 -7.56 24.96
CA GLN A 568 4.85 -7.28 26.38
C GLN A 568 6.17 -6.97 27.13
N PRO A 569 7.28 -7.73 26.94
CA PRO A 569 8.54 -7.36 27.63
C PRO A 569 9.02 -5.96 27.26
N LEU A 570 8.96 -5.56 25.97
CA LEU A 570 9.34 -4.18 25.63
C LEU A 570 8.39 -3.19 26.31
N LEU A 571 7.09 -3.46 26.32
CA LEU A 571 6.10 -2.52 26.84
C LEU A 571 6.29 -2.36 28.35
N LYS A 572 6.58 -3.46 29.03
CA LYS A 572 6.93 -3.50 30.45
C LYS A 572 8.24 -2.75 30.76
N TYR A 573 9.28 -2.93 29.94
CA TYR A 573 10.52 -2.19 30.21
C TYR A 573 10.24 -0.69 30.13
N PHE A 574 9.41 -0.25 29.16
CA PHE A 574 9.30 1.17 28.84
C PHE A 574 8.14 1.87 29.59
N GLN A 575 7.38 1.14 30.37
CA GLN A 575 6.08 1.56 30.88
C GLN A 575 6.13 2.92 31.59
N LEU A 576 7.15 3.21 32.43
CA LEU A 576 7.22 4.49 33.13
C LEU A 576 7.33 5.69 32.19
N VAL A 577 8.14 5.55 31.11
CA VAL A 577 8.29 6.65 30.18
C VAL A 577 7.10 6.67 29.21
N THR A 578 6.49 5.52 28.90
CA THR A 578 5.32 5.50 28.03
C THR A 578 4.20 6.35 28.69
N GLN A 579 3.96 6.09 29.98
CA GLN A 579 3.01 6.91 30.73
C GLN A 579 3.44 8.38 30.80
N TRP A 580 4.73 8.62 31.08
CA TRP A 580 5.15 9.99 31.26
C TRP A 580 5.03 10.76 29.95
N LEU A 581 5.42 10.14 28.80
CA LEU A 581 5.36 10.87 27.53
C LEU A 581 3.91 11.21 27.22
N GLN A 582 3.00 10.25 27.46
CA GLN A 582 1.59 10.48 27.16
C GLN A 582 1.03 11.64 27.98
N GLU A 583 1.40 11.68 29.26
CA GLU A 583 1.06 12.79 30.17
C GLU A 583 1.62 14.14 29.71
N GLN A 584 2.91 14.19 29.36
CA GLN A 584 3.47 15.43 28.86
C GLN A 584 2.81 15.92 27.57
N ASN A 585 2.55 15.02 26.59
CA ASN A 585 1.97 15.44 25.33
C ASN A 585 0.53 15.94 25.56
N GLN A 586 -0.18 15.34 26.53
CA GLN A 586 -1.53 15.77 26.86
C GLN A 586 -1.46 17.19 27.42
N GLN A 587 -0.56 17.41 28.38
CA GLN A 587 -0.44 18.71 28.98
C GLN A 587 0.00 19.76 27.98
N ASN A 588 0.88 19.43 27.03
CA ASN A 588 1.21 20.45 26.04
C ASN A 588 0.11 20.61 24.97
N GLY A 589 -0.95 19.83 24.96
CA GLY A 589 -1.93 20.01 23.90
C GLY A 589 -1.50 19.46 22.53
N GLU A 590 -0.65 18.40 22.52
CA GLU A 590 0.01 18.05 21.26
C GLU A 590 -1.01 17.36 20.37
N VAL A 591 -0.81 17.47 19.05
CA VAL A 591 -1.39 16.56 18.08
C VAL A 591 -0.45 15.35 17.90
N LEU A 592 -0.97 14.17 18.20
CA LEU A 592 -0.29 12.91 17.93
C LEU A 592 -0.45 12.58 16.44
N GLY A 593 0.66 12.32 15.77
CA GLY A 593 0.63 12.07 14.34
C GLY A 593 0.97 13.36 13.59
N TRP A 594 0.76 13.31 12.28
CA TRP A 594 1.19 14.36 11.39
C TRP A 594 0.09 14.54 10.35
N PRO A 595 -1.07 15.09 10.75
CA PRO A 595 -2.20 15.24 9.83
C PRO A 595 -1.92 16.20 8.69
N GLU A 596 -0.94 17.12 8.83
CA GLU A 596 -0.47 17.87 7.66
C GLU A 596 0.57 17.04 6.90
N TYR A 597 0.11 16.00 6.21
CA TYR A 597 0.98 15.00 5.63
C TYR A 597 1.75 15.54 4.42
N GLN A 598 1.31 16.69 3.85
CA GLN A 598 1.90 17.15 2.63
C GLN A 598 3.04 18.11 2.95
N TRP A 599 3.18 18.48 4.22
CA TRP A 599 4.06 19.60 4.58
C TRP A 599 5.53 19.18 4.45
N HIS A 600 6.33 20.12 3.91
CA HIS A 600 7.78 20.00 3.86
C HIS A 600 8.35 21.38 4.21
N PRO A 601 9.53 21.43 4.84
CA PRO A 601 10.05 22.73 5.24
C PRO A 601 10.55 23.51 4.02
N PRO A 602 10.76 24.84 4.15
CA PRO A 602 11.37 25.62 3.05
C PRO A 602 12.88 25.43 3.09
N LEU A 603 13.57 25.81 2.00
CA LEU A 603 15.01 25.98 2.09
C LEU A 603 15.38 27.12 3.03
N PRO A 604 16.52 27.01 3.77
CA PRO A 604 17.09 28.15 4.49
C PRO A 604 17.51 29.23 3.50
N ASP A 605 17.29 30.52 3.79
CA ASP A 605 17.72 31.58 2.87
C ASP A 605 19.22 31.44 2.61
N ASN A 606 19.67 31.72 1.40
CA ASN A 606 21.11 31.68 1.20
C ASN A 606 21.61 30.22 1.35
N TYR A 607 20.78 29.26 0.92
CA TYR A 607 21.22 27.87 0.90
C TYR A 607 21.31 27.45 -0.57
N PRO A 608 22.37 26.73 -1.06
CA PRO A 608 23.57 26.37 -0.29
C PRO A 608 24.77 27.34 -0.26
N GLU A 609 24.60 28.56 -0.79
CA GLU A 609 25.65 29.59 -0.90
C GLU A 609 26.44 29.75 0.40
N GLY A 610 25.77 29.84 1.56
CA GLY A 610 26.46 30.22 2.77
C GLY A 610 27.06 29.06 3.55
N ILE A 611 27.16 27.85 2.93
CA ILE A 611 27.63 26.66 3.63
C ILE A 611 29.04 26.86 4.18
N ASP A 612 29.88 27.60 3.44
CA ASP A 612 31.23 27.93 3.87
C ASP A 612 31.26 28.78 5.16
N LEU A 613 30.17 29.49 5.51
CA LEU A 613 30.13 30.22 6.79
C LEU A 613 30.04 29.32 8.04
N VAL A 614 29.41 28.13 7.89
CA VAL A 614 29.19 27.18 8.98
C VAL A 614 29.98 25.88 8.81
N THR A 615 30.96 25.87 7.88
CA THR A 615 31.75 24.70 7.54
C THR A 615 33.18 24.83 8.06
N LEU B 1 -42.01 -5.41 14.94
CA LEU B 1 -42.41 -5.80 13.56
C LEU B 1 -43.84 -6.36 13.58
N ASP B 2 -44.68 -5.96 12.60
CA ASP B 2 -46.00 -6.54 12.46
C ASP B 2 -45.93 -8.09 12.45
N PRO B 3 -46.81 -8.77 13.23
CA PRO B 3 -46.92 -10.26 13.19
C PRO B 3 -47.26 -10.84 11.81
N GLY B 4 -48.05 -10.06 11.04
CA GLY B 4 -48.37 -10.30 9.63
C GLY B 4 -47.14 -10.25 8.72
N LEU B 5 -46.00 -9.71 9.21
CA LEU B 5 -44.73 -9.67 8.48
C LEU B 5 -43.70 -10.68 9.03
N GLN B 6 -44.01 -11.37 10.16
CA GLN B 6 -43.05 -12.29 10.77
C GLN B 6 -43.18 -13.68 10.14
N PRO B 7 -42.16 -14.58 10.20
CA PRO B 7 -42.34 -15.92 9.63
C PRO B 7 -43.24 -16.75 10.55
N GLY B 8 -44.00 -17.68 9.90
CA GLY B 8 -44.62 -18.84 10.54
C GLY B 8 -43.60 -19.97 10.66
N GLN B 9 -44.07 -21.23 10.85
CA GLN B 9 -43.16 -22.38 10.82
C GLN B 9 -42.99 -22.99 9.44
N PHE B 10 -41.78 -23.43 9.19
CA PHE B 10 -41.53 -24.16 7.99
C PHE B 10 -40.76 -25.40 8.45
N SER B 11 -40.78 -26.47 7.64
CA SER B 11 -39.96 -27.62 7.97
C SER B 11 -38.53 -27.35 7.53
N ALA B 12 -37.55 -27.99 8.19
CA ALA B 12 -36.09 -27.80 8.04
C ALA B 12 -35.50 -28.71 6.95
N ASP B 13 -36.01 -28.54 5.75
CA ASP B 13 -35.65 -29.39 4.62
C ASP B 13 -35.96 -28.51 3.41
N GLU B 14 -35.49 -28.96 2.24
CA GLU B 14 -35.86 -28.41 0.96
C GLU B 14 -37.34 -28.00 1.00
N ALA B 15 -38.21 -28.98 1.25
CA ALA B 15 -39.65 -28.78 1.05
C ALA B 15 -40.19 -27.52 1.78
N GLY B 16 -39.74 -27.33 3.05
CA GLY B 16 -40.13 -26.17 3.87
C GLY B 16 -39.49 -24.86 3.38
N ALA B 17 -38.22 -24.95 2.93
CA ALA B 17 -37.45 -23.76 2.53
C ALA B 17 -38.13 -23.17 1.30
N GLN B 18 -38.88 -24.05 0.59
CA GLN B 18 -39.59 -23.59 -0.58
C GLN B 18 -40.75 -22.70 -0.19
N LEU B 19 -41.56 -23.22 0.74
CA LEU B 19 -42.65 -22.39 1.27
C LEU B 19 -42.09 -21.13 1.98
N PHE B 20 -40.96 -21.28 2.69
CA PHE B 20 -40.24 -20.17 3.32
C PHE B 20 -40.00 -19.05 2.28
N ALA B 21 -39.33 -19.44 1.19
CA ALA B 21 -39.01 -18.50 0.14
C ALA B 21 -40.34 -17.90 -0.26
N GLN B 22 -41.37 -18.74 -0.50
CA GLN B 22 -42.67 -18.22 -0.96
C GLN B 22 -43.22 -17.10 -0.03
N SER B 23 -43.23 -17.38 1.28
CA SER B 23 -43.85 -16.53 2.33
C SER B 23 -43.03 -15.25 2.56
N TYR B 24 -41.69 -15.40 2.58
CA TYR B 24 -40.78 -14.28 2.56
C TYR B 24 -41.14 -13.34 1.40
N GLN B 25 -41.28 -13.93 0.21
CA GLN B 25 -41.55 -13.13 -0.97
C GLN B 25 -42.75 -12.22 -0.74
N SER B 26 -43.89 -12.78 -0.30
CA SER B 26 -45.11 -11.97 -0.23
C SER B 26 -45.04 -10.79 0.78
N SER B 27 -44.20 -10.91 1.82
CA SER B 27 -43.91 -9.95 2.88
C SER B 27 -42.75 -9.00 2.55
N ALA B 28 -41.61 -9.56 2.06
CA ALA B 28 -40.45 -8.78 1.65
C ALA B 28 -40.90 -7.67 0.72
N GLU B 29 -41.76 -8.04 -0.25
CA GLU B 29 -42.07 -7.10 -1.30
C GLU B 29 -42.63 -5.81 -0.67
N GLN B 30 -43.36 -5.92 0.45
CA GLN B 30 -44.07 -4.76 0.99
C GLN B 30 -43.07 -3.96 1.83
N VAL B 31 -42.17 -4.74 2.49
CA VAL B 31 -41.06 -4.20 3.27
C VAL B 31 -40.16 -3.37 2.34
N LEU B 32 -39.55 -4.03 1.33
CA LEU B 32 -38.88 -3.29 0.22
C LEU B 32 -39.62 -2.04 -0.28
N PHE B 33 -40.92 -2.22 -0.65
CA PHE B 33 -41.61 -1.17 -1.39
C PHE B 33 -41.65 0.08 -0.49
N GLN B 34 -41.89 -0.09 0.83
CA GLN B 34 -42.06 1.07 1.72
C GLN B 34 -40.68 1.70 1.96
N SER B 35 -39.63 0.85 1.94
CA SER B 35 -38.26 1.40 2.04
C SER B 35 -37.87 2.20 0.78
N VAL B 36 -38.08 1.59 -0.40
CA VAL B 36 -37.89 2.33 -1.66
C VAL B 36 -38.70 3.61 -1.67
N ALA B 37 -39.99 3.48 -1.28
CA ALA B 37 -40.86 4.63 -1.37
C ALA B 37 -40.38 5.76 -0.46
N ALA B 38 -40.02 5.43 0.79
CA ALA B 38 -39.63 6.51 1.70
C ALA B 38 -38.31 7.11 1.20
N SER B 39 -37.44 6.21 0.67
CA SER B 39 -36.20 6.67 0.02
C SER B 39 -36.45 7.66 -1.12
N TRP B 40 -37.38 7.24 -2.00
CA TRP B 40 -37.84 8.04 -3.13
C TRP B 40 -38.34 9.38 -2.60
N ALA B 41 -39.16 9.32 -1.52
CA ALA B 41 -39.78 10.52 -0.99
C ALA B 41 -38.72 11.39 -0.32
N HIS B 42 -37.65 10.75 0.18
CA HIS B 42 -36.51 11.49 0.70
C HIS B 42 -35.74 12.09 -0.47
N ASP B 43 -35.29 11.20 -1.39
CA ASP B 43 -34.41 11.52 -2.51
C ASP B 43 -35.05 12.56 -3.42
N THR B 44 -36.37 12.49 -3.65
CA THR B 44 -37.00 13.50 -4.49
C THR B 44 -37.62 14.62 -3.65
N ASN B 45 -37.33 14.64 -2.33
CA ASN B 45 -37.92 15.62 -1.41
C ASN B 45 -37.09 15.60 -0.13
N ILE B 46 -36.04 16.42 -0.10
CA ILE B 46 -35.11 16.34 1.01
C ILE B 46 -35.61 17.21 2.16
N THR B 47 -35.93 16.53 3.26
CA THR B 47 -36.46 17.17 4.47
C THR B 47 -36.25 16.24 5.66
N ALA B 48 -35.94 16.89 6.79
CA ALA B 48 -35.80 16.24 8.08
C ALA B 48 -37.00 15.30 8.28
N GLU B 49 -38.19 15.76 7.86
CA GLU B 49 -39.40 14.96 8.03
C GLU B 49 -39.25 13.68 7.22
N ASN B 50 -38.98 13.83 5.90
CA ASN B 50 -38.84 12.68 5.00
C ASN B 50 -37.68 11.79 5.44
N ALA B 51 -36.63 12.50 5.94
CA ALA B 51 -35.52 11.77 6.56
C ALA B 51 -36.03 10.90 7.74
N ARG B 52 -36.82 11.55 8.63
CA ARG B 52 -37.39 10.76 9.72
C ARG B 52 -38.18 9.57 9.12
N ARG B 53 -39.02 9.85 8.11
CA ARG B 53 -39.83 8.75 7.58
C ARG B 53 -38.95 7.60 7.03
N GLN B 54 -37.95 7.95 6.20
CA GLN B 54 -37.01 6.98 5.64
C GLN B 54 -36.24 6.25 6.76
N GLU B 55 -35.74 7.03 7.74
CA GLU B 55 -35.11 6.33 8.88
C GLU B 55 -36.02 5.31 9.54
N GLU B 56 -37.33 5.64 9.70
CA GLU B 56 -38.27 4.66 10.28
C GLU B 56 -38.45 3.44 9.36
N ALA B 57 -38.61 3.69 8.04
CA ALA B 57 -38.75 2.62 7.04
C ALA B 57 -37.61 1.60 7.09
N ALA B 58 -36.36 2.08 7.16
CA ALA B 58 -35.17 1.24 7.30
C ALA B 58 -35.22 0.44 8.60
N LEU B 59 -35.57 1.14 9.70
CA LEU B 59 -35.66 0.41 11.00
C LEU B 59 -36.51 -0.86 10.89
N LEU B 60 -37.67 -0.69 10.23
CA LEU B 60 -38.56 -1.83 10.00
C LEU B 60 -37.89 -2.92 9.11
N SER B 61 -37.16 -2.53 8.06
CA SER B 61 -36.53 -3.52 7.19
C SER B 61 -35.34 -4.20 7.88
N GLN B 62 -34.61 -3.40 8.68
CA GLN B 62 -33.80 -4.06 9.72
C GLN B 62 -34.62 -5.12 10.50
N GLU B 63 -35.79 -4.74 11.04
CA GLU B 63 -36.47 -5.68 11.94
C GLU B 63 -36.91 -6.94 11.16
N PHE B 64 -37.43 -6.73 9.94
CA PHE B 64 -37.80 -7.79 9.02
C PHE B 64 -36.64 -8.77 8.85
N ALA B 65 -35.49 -8.24 8.38
CA ALA B 65 -34.33 -9.03 7.96
C ALA B 65 -33.78 -9.88 9.11
N GLU B 66 -33.76 -9.28 10.30
CA GLU B 66 -33.36 -10.03 11.49
C GLU B 66 -34.30 -11.22 11.69
N ALA B 67 -35.63 -10.97 11.55
CA ALA B 67 -36.60 -12.00 11.93
C ALA B 67 -36.57 -13.14 10.90
N TRP B 68 -36.72 -12.81 9.60
CA TRP B 68 -36.67 -13.83 8.58
C TRP B 68 -35.30 -14.47 8.56
N GLY B 69 -34.32 -13.73 9.11
CA GLY B 69 -32.91 -13.92 8.80
C GLY B 69 -32.41 -15.01 9.72
N GLN B 70 -32.67 -14.74 11.02
CA GLN B 70 -32.44 -15.63 12.15
C GLN B 70 -33.20 -16.94 11.96
N LYS B 71 -34.43 -16.88 11.39
CA LYS B 71 -35.23 -18.08 11.16
C LYS B 71 -34.63 -18.92 10.03
N ALA B 72 -34.26 -18.23 8.95
CA ALA B 72 -33.59 -18.85 7.81
C ALA B 72 -32.34 -19.60 8.29
N LYS B 73 -31.55 -18.95 9.16
CA LYS B 73 -30.39 -19.60 9.73
C LYS B 73 -30.80 -20.76 10.62
N GLU B 74 -31.85 -20.52 11.44
CA GLU B 74 -32.20 -21.49 12.47
C GLU B 74 -32.53 -22.84 11.82
N LEU B 75 -33.29 -22.77 10.71
CA LEU B 75 -33.90 -23.88 10.00
C LEU B 75 -32.94 -24.55 9.01
N TYR B 76 -32.10 -23.76 8.30
CA TYR B 76 -31.50 -24.31 7.09
C TYR B 76 -29.98 -24.32 7.14
N GLU B 77 -29.40 -23.65 8.16
CA GLU B 77 -27.96 -23.38 8.25
C GLU B 77 -27.04 -24.51 7.75
N PRO B 78 -27.01 -25.73 8.33
CA PRO B 78 -25.87 -26.64 8.15
C PRO B 78 -25.11 -26.62 6.81
N GLN B 82 -26.41 -27.44 -0.41
CA GLN B 82 -26.90 -28.46 -1.40
C GLN B 82 -28.43 -28.61 -1.34
N PHE B 83 -29.15 -27.51 -1.60
CA PHE B 83 -30.51 -27.62 -2.11
C PHE B 83 -30.34 -27.88 -3.61
N THR B 84 -31.33 -28.57 -4.22
CA THR B 84 -31.28 -28.96 -5.64
C THR B 84 -31.73 -27.82 -6.59
N ASP B 85 -32.48 -26.84 -6.04
CA ASP B 85 -32.89 -25.65 -6.75
C ASP B 85 -31.82 -24.58 -6.54
N PRO B 86 -31.15 -24.09 -7.64
CA PRO B 86 -30.10 -23.07 -7.54
C PRO B 86 -30.68 -21.73 -7.10
N GLN B 87 -31.90 -21.42 -7.59
CA GLN B 87 -32.70 -20.24 -7.23
C GLN B 87 -32.89 -20.18 -5.73
N LEU B 88 -33.34 -21.33 -5.15
CA LEU B 88 -33.65 -21.47 -3.71
C LEU B 88 -32.39 -21.25 -2.83
N ARG B 89 -31.27 -21.88 -3.24
CA ARG B 89 -30.01 -21.75 -2.53
C ARG B 89 -29.67 -20.25 -2.41
N ARG B 90 -29.68 -19.61 -3.58
CA ARG B 90 -29.42 -18.17 -3.68
C ARG B 90 -30.42 -17.37 -2.83
N ILE B 91 -31.71 -17.76 -2.79
CA ILE B 91 -32.64 -16.99 -1.96
C ILE B 91 -32.29 -17.13 -0.47
N ILE B 92 -32.06 -18.35 0.02
CA ILE B 92 -31.74 -18.48 1.44
C ILE B 92 -30.42 -17.73 1.77
N GLY B 93 -29.45 -17.85 0.85
CA GLY B 93 -28.12 -17.22 0.94
C GLY B 93 -28.23 -15.71 1.18
N ALA B 94 -29.08 -15.05 0.39
CA ALA B 94 -29.37 -13.62 0.54
C ALA B 94 -30.00 -13.36 1.92
N VAL B 95 -31.08 -14.11 2.22
CA VAL B 95 -31.95 -13.90 3.37
C VAL B 95 -31.17 -14.24 4.66
N ARG B 96 -30.26 -15.27 4.63
CA ARG B 96 -29.51 -15.59 5.84
C ARG B 96 -28.56 -14.47 6.32
N THR B 97 -28.21 -13.52 5.40
CA THR B 97 -27.22 -12.46 5.61
C THR B 97 -27.91 -11.16 6.11
N LEU B 98 -27.51 -10.75 7.31
CA LEU B 98 -28.27 -9.77 8.07
C LEU B 98 -27.71 -8.33 8.02
N GLY B 99 -26.38 -8.14 7.79
CA GLY B 99 -25.97 -6.78 7.47
C GLY B 99 -26.36 -5.86 8.63
N SER B 100 -27.02 -4.74 8.33
CA SER B 100 -27.14 -3.76 9.41
C SER B 100 -27.92 -4.34 10.59
N ALA B 101 -28.58 -5.51 10.36
CA ALA B 101 -29.55 -6.04 11.31
C ALA B 101 -28.82 -6.81 12.40
N ASN B 102 -27.52 -7.11 12.19
CA ASN B 102 -26.77 -7.58 13.34
C ASN B 102 -26.70 -6.54 14.47
N LEU B 103 -26.77 -5.24 14.19
CA LEU B 103 -26.52 -4.30 15.30
C LEU B 103 -27.66 -4.31 16.36
N PRO B 104 -27.40 -4.19 17.66
CA PRO B 104 -28.48 -3.75 18.56
C PRO B 104 -29.11 -2.44 18.09
N LEU B 105 -30.39 -2.33 18.44
CA LEU B 105 -31.34 -1.28 18.07
C LEU B 105 -30.65 0.09 18.08
N ALA B 106 -29.89 0.33 19.17
CA ALA B 106 -29.32 1.67 19.36
C ALA B 106 -28.36 1.95 18.19
N LYS B 107 -27.74 0.91 17.63
CA LYS B 107 -26.63 1.05 16.69
C LYS B 107 -27.25 1.14 15.30
N ARG B 108 -28.39 0.44 15.17
CA ARG B 108 -29.29 0.56 14.03
C ARG B 108 -29.77 2.00 13.91
N GLN B 109 -30.38 2.51 14.98
CA GLN B 109 -30.72 3.93 14.95
C GLN B 109 -29.55 4.80 14.49
N GLN B 110 -28.37 4.63 15.12
CA GLN B 110 -27.21 5.45 14.78
C GLN B 110 -26.74 5.21 13.33
N TYR B 111 -26.77 3.95 12.83
CA TYR B 111 -26.40 3.59 11.50
C TYR B 111 -27.31 4.30 10.50
N ASN B 112 -28.65 4.15 10.71
CA ASN B 112 -29.60 4.75 9.81
C ASN B 112 -29.47 6.27 9.83
N ALA B 113 -29.14 6.86 10.99
CA ALA B 113 -29.06 8.32 10.96
C ALA B 113 -27.86 8.80 10.14
N LEU B 114 -26.74 8.06 10.25
CA LEU B 114 -25.48 8.39 9.54
C LEU B 114 -25.65 8.38 8.02
N LEU B 115 -26.23 7.29 7.50
CA LEU B 115 -26.58 7.18 6.09
C LEU B 115 -27.41 8.37 5.67
N SER B 116 -28.41 8.72 6.52
CA SER B 116 -29.26 9.82 6.15
C SER B 116 -28.48 11.12 6.28
N GLN B 117 -27.63 11.25 7.34
CA GLN B 117 -27.01 12.57 7.44
C GLN B 117 -25.96 12.67 6.33
N MET B 118 -25.32 11.54 6.05
CA MET B 118 -24.30 11.41 4.99
C MET B 118 -24.84 11.81 3.62
N SER B 119 -25.97 11.23 3.18
CA SER B 119 -26.71 11.61 1.97
C SER B 119 -27.00 13.09 1.96
N ARG B 120 -27.51 13.57 3.11
CA ARG B 120 -27.99 14.94 3.19
C ARG B 120 -26.79 15.87 3.01
N ILE B 121 -25.66 15.56 3.66
CA ILE B 121 -24.60 16.54 3.55
C ILE B 121 -24.16 16.61 2.08
N TYR B 122 -23.99 15.45 1.48
CA TYR B 122 -23.54 15.36 0.09
C TYR B 122 -24.48 16.15 -0.81
N SER B 123 -25.79 15.84 -0.71
CA SER B 123 -26.79 16.27 -1.67
C SER B 123 -27.25 17.69 -1.39
N THR B 124 -26.86 18.26 -0.25
CA THR B 124 -27.29 19.65 0.01
C THR B 124 -26.12 20.60 0.10
N ALA B 125 -24.87 20.15 -0.12
CA ALA B 125 -23.70 21.04 -0.01
C ALA B 125 -23.64 22.06 -1.13
N LYS B 126 -23.07 23.24 -0.84
CA LYS B 126 -23.15 24.39 -1.71
C LYS B 126 -21.82 25.11 -1.66
N VAL B 127 -21.54 25.89 -2.69
CA VAL B 127 -20.33 26.70 -2.66
C VAL B 127 -20.74 28.18 -2.82
N CYS B 128 -20.39 28.96 -1.80
CA CYS B 128 -20.83 30.34 -1.67
C CYS B 128 -19.70 31.27 -2.04
N LEU B 129 -20.06 32.36 -2.74
CA LEU B 129 -19.11 33.25 -3.41
C LEU B 129 -18.78 34.42 -2.45
N THR B 135 -25.48 34.52 -3.14
CA THR B 135 -26.15 33.37 -3.80
C THR B 135 -25.11 32.26 -4.08
N CYS B 136 -25.54 30.99 -4.02
CA CYS B 136 -24.64 29.86 -3.79
C CYS B 136 -24.82 28.77 -4.85
N TRP B 137 -23.70 28.17 -5.26
CA TRP B 137 -23.70 27.16 -6.31
C TRP B 137 -23.90 25.75 -5.75
N SER B 138 -24.81 24.98 -6.35
CA SER B 138 -25.01 23.56 -6.05
C SER B 138 -24.14 22.70 -7.01
N LEU B 139 -23.96 21.40 -6.74
CA LEU B 139 -23.10 20.55 -7.57
C LEU B 139 -23.70 20.40 -8.96
N ASP B 140 -25.00 20.16 -8.98
CA ASP B 140 -25.71 19.84 -10.20
C ASP B 140 -26.87 20.82 -10.27
N PRO B 141 -26.87 21.83 -11.17
CA PRO B 141 -25.93 21.86 -12.28
C PRO B 141 -24.71 22.76 -12.25
N ASP B 142 -24.62 23.61 -11.21
CA ASP B 142 -23.74 24.77 -11.31
C ASP B 142 -22.25 24.40 -11.37
N LEU B 143 -21.78 23.65 -10.37
CA LEU B 143 -20.38 23.22 -10.34
C LEU B 143 -20.05 22.26 -11.50
N THR B 144 -20.99 21.35 -11.79
CA THR B 144 -20.78 20.47 -12.91
C THR B 144 -20.49 21.30 -14.16
N ASN B 145 -21.28 22.36 -14.44
CA ASN B 145 -21.14 23.07 -15.71
C ASN B 145 -19.85 23.86 -15.64
N ILE B 146 -19.53 24.43 -14.49
CA ILE B 146 -18.24 25.10 -14.36
C ILE B 146 -17.07 24.14 -14.65
N LEU B 147 -17.05 22.92 -14.03
CA LEU B 147 -15.93 22.00 -14.26
C LEU B 147 -15.84 21.60 -15.73
N ALA B 148 -17.05 21.51 -16.37
CA ALA B 148 -17.11 21.04 -17.75
C ALA B 148 -16.66 22.10 -18.77
N SER B 149 -16.92 23.38 -18.51
CA SER B 149 -16.83 24.31 -19.63
C SER B 149 -15.91 25.50 -19.33
N SER B 150 -15.70 25.83 -18.05
CA SER B 150 -14.81 26.92 -17.72
C SER B 150 -13.35 26.61 -18.01
N ARG B 151 -12.64 27.62 -18.52
CA ARG B 151 -11.26 27.42 -18.92
C ARG B 151 -10.42 28.46 -18.20
N SER B 152 -11.01 29.02 -17.14
CA SER B 152 -10.32 29.88 -16.22
C SER B 152 -9.76 29.10 -15.03
N TYR B 153 -8.43 29.12 -14.93
CA TYR B 153 -7.75 28.34 -13.89
C TYR B 153 -8.40 28.63 -12.52
N ALA B 154 -8.61 29.90 -12.22
CA ALA B 154 -8.96 30.32 -10.89
C ALA B 154 -10.41 29.96 -10.61
N MET B 155 -11.20 29.94 -11.67
CA MET B 155 -12.62 29.71 -11.44
C MET B 155 -12.82 28.21 -11.18
N LEU B 156 -12.16 27.39 -11.99
CA LEU B 156 -12.12 25.93 -11.85
C LEU B 156 -11.66 25.58 -10.44
N LEU B 157 -10.63 26.29 -9.97
CA LEU B 157 -10.05 26.05 -8.67
C LEU B 157 -11.07 26.35 -7.59
N PHE B 158 -11.73 27.50 -7.71
CA PHE B 158 -12.65 27.87 -6.66
C PHE B 158 -13.77 26.84 -6.57
N ALA B 159 -14.25 26.33 -7.69
CA ALA B 159 -15.31 25.32 -7.65
C ALA B 159 -14.82 24.01 -6.98
N TRP B 160 -13.63 23.55 -7.38
CA TRP B 160 -13.05 22.28 -6.93
C TRP B 160 -12.76 22.32 -5.43
N GLU B 161 -12.07 23.39 -5.01
CA GLU B 161 -11.75 23.56 -3.61
C GLU B 161 -13.05 23.73 -2.85
N GLY B 162 -13.96 24.57 -3.37
CA GLY B 162 -15.18 24.79 -2.58
C GLY B 162 -15.99 23.52 -2.40
N TRP B 163 -16.15 22.73 -3.49
CA TRP B 163 -16.96 21.52 -3.34
C TRP B 163 -16.32 20.55 -2.33
N HIS B 164 -15.01 20.35 -2.55
CA HIS B 164 -14.37 19.30 -1.77
C HIS B 164 -14.38 19.74 -0.30
N ASN B 165 -14.17 21.04 -0.05
CA ASN B 165 -14.24 21.47 1.34
C ASN B 165 -15.63 21.29 1.93
N ALA B 166 -16.64 21.74 1.14
CA ALA B 166 -18.02 21.78 1.55
C ALA B 166 -18.52 20.39 1.81
N ALA B 167 -18.24 19.44 0.91
CA ALA B 167 -18.86 18.13 1.12
C ALA B 167 -18.00 17.22 1.99
N GLY B 168 -16.65 17.29 1.84
CA GLY B 168 -15.70 16.38 2.48
C GLY B 168 -15.63 16.60 3.99
N ILE B 169 -15.31 17.85 4.40
CA ILE B 169 -14.89 18.18 5.77
C ILE B 169 -15.98 17.69 6.73
N PRO B 170 -17.26 18.12 6.55
CA PRO B 170 -18.29 17.66 7.48
C PRO B 170 -18.54 16.16 7.50
N LEU B 171 -18.21 15.43 6.43
CA LEU B 171 -18.57 14.01 6.31
C LEU B 171 -17.64 13.12 7.14
N LYS B 172 -16.40 13.57 7.34
CA LYS B 172 -15.38 12.67 7.89
C LYS B 172 -15.83 12.03 9.20
N PRO B 173 -16.25 12.83 10.25
CA PRO B 173 -16.62 12.25 11.55
C PRO B 173 -17.67 11.16 11.40
N LEU B 174 -18.62 11.41 10.51
CA LEU B 174 -19.70 10.45 10.32
C LEU B 174 -19.23 9.20 9.61
N TYR B 175 -18.33 9.34 8.62
CA TYR B 175 -17.94 8.13 7.88
C TYR B 175 -17.08 7.23 8.75
N GLU B 176 -16.34 7.82 9.70
CA GLU B 176 -15.60 6.91 10.60
C GLU B 176 -16.58 6.09 11.45
N ASP B 177 -17.60 6.75 12.02
CA ASP B 177 -18.57 6.01 12.81
C ASP B 177 -19.27 5.06 11.86
N PHE B 178 -19.52 5.49 10.60
CA PHE B 178 -20.20 4.55 9.69
C PHE B 178 -19.34 3.29 9.49
N THR B 179 -18.03 3.47 9.30
CA THR B 179 -17.23 2.31 8.92
C THR B 179 -17.17 1.30 10.09
N ALA B 180 -17.03 1.84 11.30
CA ALA B 180 -17.03 0.97 12.48
C ALA B 180 -18.36 0.20 12.54
N LEU B 181 -19.52 0.90 12.43
CA LEU B 181 -20.83 0.24 12.54
C LEU B 181 -20.89 -0.82 11.47
N SER B 182 -20.50 -0.49 10.23
CA SER B 182 -20.74 -1.42 9.14
C SER B 182 -19.89 -2.66 9.27
N ASN B 183 -18.63 -2.47 9.72
CA ASN B 183 -17.74 -3.60 9.95
C ASN B 183 -18.30 -4.46 11.09
N GLU B 184 -18.80 -3.81 12.17
CA GLU B 184 -19.41 -4.55 13.29
C GLU B 184 -20.48 -5.50 12.73
N ALA B 185 -21.48 -4.88 12.06
CA ALA B 185 -22.55 -5.58 11.34
C ALA B 185 -22.05 -6.79 10.55
N TYR B 186 -20.97 -6.68 9.75
CA TYR B 186 -20.72 -7.76 8.79
C TYR B 186 -19.74 -8.81 9.30
N LYS B 187 -18.95 -8.44 10.31
CA LYS B 187 -18.15 -9.45 11.01
C LYS B 187 -19.07 -10.59 11.47
N GLN B 188 -20.22 -10.22 12.04
CA GLN B 188 -21.17 -11.23 12.49
C GLN B 188 -21.59 -12.12 11.34
N ASP B 189 -21.91 -11.55 10.16
CA ASP B 189 -22.21 -12.40 9.01
C ASP B 189 -20.99 -13.28 8.68
N GLY B 190 -19.89 -13.11 9.39
CA GLY B 190 -18.70 -13.92 9.08
C GLY B 190 -17.71 -13.31 8.08
N PHE B 191 -17.78 -11.99 7.83
CA PHE B 191 -16.77 -11.44 6.94
C PHE B 191 -15.66 -10.74 7.74
N THR B 192 -14.41 -10.80 7.26
CA THR B 192 -13.38 -10.05 7.97
C THR B 192 -13.73 -8.55 8.05
N ASP B 193 -14.38 -8.00 6.99
CA ASP B 193 -14.72 -6.59 6.99
C ASP B 193 -15.75 -6.35 5.88
N THR B 194 -16.49 -5.22 5.98
CA THR B 194 -17.52 -4.93 4.98
C THR B 194 -16.99 -5.13 3.57
N GLY B 195 -15.68 -4.87 3.33
CA GLY B 195 -15.11 -4.92 2.00
C GLY B 195 -15.01 -6.33 1.47
N ALA B 196 -14.80 -7.32 2.39
CA ALA B 196 -14.83 -8.70 1.93
C ALA B 196 -16.28 -9.11 1.60
N TYR B 197 -17.27 -8.54 2.30
CA TYR B 197 -18.64 -8.81 1.91
C TYR B 197 -18.82 -8.31 0.47
N TRP B 198 -18.50 -7.03 0.22
CA TRP B 198 -18.71 -6.46 -1.13
C TRP B 198 -18.01 -7.28 -2.21
N ARG B 199 -16.83 -7.82 -1.93
CA ARG B 199 -16.16 -8.53 -3.00
C ARG B 199 -16.76 -9.93 -3.21
N SER B 200 -17.48 -10.43 -2.17
CA SER B 200 -18.04 -11.78 -2.23
C SER B 200 -18.97 -11.93 -3.44
N TRP B 201 -19.76 -10.88 -3.70
CA TRP B 201 -20.68 -10.74 -4.83
C TRP B 201 -20.10 -11.23 -6.15
N TYR B 202 -18.77 -11.31 -6.29
CA TYR B 202 -18.16 -11.71 -7.58
C TYR B 202 -17.85 -13.19 -7.56
N ASN B 203 -18.01 -13.76 -6.35
CA ASN B 203 -17.89 -15.19 -6.18
C ASN B 203 -16.72 -15.70 -7.03
N SER B 204 -15.54 -15.10 -6.81
CA SER B 204 -14.28 -15.43 -7.48
C SER B 204 -13.16 -15.36 -6.44
N PRO B 205 -12.41 -16.45 -6.22
CA PRO B 205 -11.31 -16.42 -5.27
C PRO B 205 -10.15 -15.51 -5.67
N THR B 206 -9.92 -15.33 -6.99
CA THR B 206 -8.79 -14.56 -7.50
C THR B 206 -9.17 -13.11 -7.95
N PHE B 207 -10.22 -12.50 -7.34
CA PHE B 207 -10.82 -11.25 -7.84
C PHE B 207 -9.80 -10.09 -7.89
N GLU B 208 -9.12 -9.83 -6.78
CA GLU B 208 -8.20 -8.70 -6.70
C GLU B 208 -7.04 -8.89 -7.66
N ASP B 209 -6.49 -10.11 -7.70
CA ASP B 209 -5.38 -10.40 -8.59
C ASP B 209 -5.78 -10.23 -10.04
N ASP B 210 -6.96 -10.75 -10.40
CA ASP B 210 -7.35 -10.63 -11.78
C ASP B 210 -7.55 -9.15 -12.15
N LEU B 211 -8.15 -8.35 -11.26
CA LEU B 211 -8.27 -6.91 -11.53
C LEU B 211 -6.90 -6.29 -11.80
N GLU B 212 -5.92 -6.62 -10.96
CA GLU B 212 -4.59 -6.02 -11.05
C GLU B 212 -4.06 -6.26 -12.46
N HIS B 213 -4.36 -7.46 -12.96
CA HIS B 213 -3.79 -7.93 -14.21
C HIS B 213 -4.43 -7.15 -15.35
N LEU B 214 -5.77 -7.01 -15.30
CA LEU B 214 -6.45 -6.18 -16.28
C LEU B 214 -5.76 -4.81 -16.26
N TYR B 215 -5.64 -4.22 -15.07
CA TYR B 215 -5.12 -2.86 -15.04
C TYR B 215 -3.74 -2.75 -15.72
N GLN B 216 -2.83 -3.73 -15.49
CA GLN B 216 -1.51 -3.76 -16.12
C GLN B 216 -1.54 -3.67 -17.65
N GLN B 217 -2.51 -4.31 -18.29
CA GLN B 217 -2.57 -4.23 -19.75
C GLN B 217 -3.19 -2.91 -20.20
N LEU B 218 -3.97 -2.29 -19.31
CA LEU B 218 -4.69 -1.07 -19.71
C LEU B 218 -3.81 0.15 -19.41
N GLU B 219 -2.93 0.05 -18.41
CA GLU B 219 -2.16 1.23 -17.97
C GLU B 219 -1.46 1.99 -19.11
N PRO B 220 -0.73 1.31 -20.04
CA PRO B 220 -0.02 2.03 -21.11
C PRO B 220 -0.98 2.91 -21.92
N LEU B 221 -2.21 2.45 -22.15
CA LEU B 221 -3.16 3.32 -22.83
C LEU B 221 -3.46 4.54 -21.99
N TYR B 222 -3.78 4.34 -20.69
CA TYR B 222 -3.94 5.55 -19.88
C TYR B 222 -2.66 6.40 -19.84
N LEU B 223 -1.45 5.81 -19.69
CA LEU B 223 -0.30 6.75 -19.61
C LEU B 223 -0.17 7.61 -20.87
N ASN B 224 -0.52 7.05 -22.05
CA ASN B 224 -0.23 7.77 -23.28
C ASN B 224 -1.30 8.84 -23.48
N LEU B 225 -2.52 8.51 -23.08
CA LEU B 225 -3.58 9.48 -23.10
C LEU B 225 -3.25 10.65 -22.19
N HIS B 226 -2.91 10.31 -20.95
CA HIS B 226 -2.53 11.30 -19.96
C HIS B 226 -1.43 12.23 -20.50
N ALA B 227 -0.35 11.66 -21.06
CA ALA B 227 0.76 12.52 -21.50
C ALA B 227 0.30 13.51 -22.58
N PHE B 228 -0.54 12.99 -23.49
CA PHE B 228 -1.17 13.71 -24.61
C PHE B 228 -2.00 14.88 -24.11
N VAL B 229 -2.83 14.67 -23.07
CA VAL B 229 -3.73 15.70 -22.60
C VAL B 229 -2.96 16.71 -21.77
N ARG B 230 -1.99 16.22 -21.00
CA ARG B 230 -1.19 17.12 -20.19
C ARG B 230 -0.50 18.17 -21.11
N ARG B 231 -0.03 17.71 -22.27
CA ARG B 231 0.66 18.51 -23.27
C ARG B 231 -0.30 19.57 -23.75
N ALA B 232 -1.55 19.15 -23.99
CA ALA B 232 -2.57 20.05 -24.47
C ALA B 232 -2.96 21.08 -23.43
N LEU B 233 -2.99 20.68 -22.13
CA LEU B 233 -3.34 21.60 -21.05
C LEU B 233 -2.19 22.57 -20.86
N HIS B 234 -0.98 22.10 -21.23
CA HIS B 234 0.17 22.99 -21.03
C HIS B 234 0.06 24.11 -22.08
N ARG B 235 -0.30 23.73 -23.32
CA ARG B 235 -0.50 24.78 -24.32
C ARG B 235 -1.39 25.86 -23.73
N ARG B 236 -2.52 25.47 -23.08
CA ARG B 236 -3.56 26.37 -22.61
C ARG B 236 -3.12 27.12 -21.35
N TYR B 237 -2.43 26.46 -20.43
CA TYR B 237 -2.31 27.10 -19.11
C TYR B 237 -0.85 27.46 -18.84
N GLY B 238 0.09 26.86 -19.60
CA GLY B 238 1.50 27.23 -19.49
C GLY B 238 2.26 26.63 -18.30
N ASP B 239 3.59 26.83 -18.29
CA ASP B 239 4.50 26.19 -17.34
C ASP B 239 4.22 26.52 -15.91
N ARG B 240 3.53 27.62 -15.67
CA ARG B 240 3.29 27.94 -14.28
C ARG B 240 2.39 26.85 -13.65
N TYR B 241 1.44 26.31 -14.42
CA TYR B 241 0.35 25.55 -13.81
C TYR B 241 0.35 24.09 -14.24
N ILE B 242 1.12 23.75 -15.25
CA ILE B 242 1.26 22.43 -15.82
C ILE B 242 2.75 22.10 -15.89
N ASN B 243 3.07 21.03 -15.13
CA ASN B 243 4.39 20.42 -15.16
C ASN B 243 4.33 19.23 -16.10
N LEU B 244 5.05 19.34 -17.21
CA LEU B 244 5.16 18.28 -18.21
C LEU B 244 5.75 16.99 -17.68
N ARG B 245 6.19 16.99 -16.44
CA ARG B 245 6.78 15.77 -15.89
C ARG B 245 6.13 15.45 -14.55
N GLY B 246 5.12 16.23 -14.17
CA GLY B 246 4.43 15.97 -12.90
C GLY B 246 2.92 15.71 -13.07
N PRO B 247 2.19 15.49 -11.96
CA PRO B 247 0.77 15.10 -12.04
C PRO B 247 0.00 16.27 -12.61
N ILE B 248 -1.14 15.99 -13.23
CA ILE B 248 -1.98 17.10 -13.71
C ILE B 248 -2.76 17.63 -12.53
N PRO B 249 -2.88 18.98 -12.32
CA PRO B 249 -3.87 19.49 -11.36
C PRO B 249 -5.30 18.94 -11.52
N ALA B 250 -5.94 18.56 -10.39
CA ALA B 250 -7.10 17.66 -10.41
C ALA B 250 -8.35 18.36 -10.94
N HIS B 251 -8.32 19.70 -11.09
CA HIS B 251 -9.50 20.46 -11.48
C HIS B 251 -9.56 20.80 -12.98
N LEU B 252 -8.64 20.30 -13.82
CA LEU B 252 -8.49 20.83 -15.15
C LEU B 252 -9.05 19.90 -16.21
N LEU B 253 -9.76 18.79 -15.82
CA LEU B 253 -9.96 17.72 -16.78
C LEU B 253 -11.44 17.55 -17.09
N GLY B 254 -12.28 18.49 -16.68
CA GLY B 254 -13.60 18.50 -17.27
C GLY B 254 -14.69 18.07 -16.31
N ASP B 255 -14.25 17.61 -15.14
CA ASP B 255 -15.10 16.82 -14.26
C ASP B 255 -14.57 17.03 -12.83
N MET B 256 -15.49 17.12 -11.88
CA MET B 256 -15.15 17.38 -10.50
C MET B 256 -14.13 16.35 -9.95
N TRP B 257 -14.23 15.07 -10.40
CA TRP B 257 -13.39 13.98 -9.89
C TRP B 257 -12.29 13.63 -10.86
N ALA B 258 -12.13 14.41 -11.92
CA ALA B 258 -11.20 14.05 -12.98
C ALA B 258 -11.47 12.66 -13.51
N GLN B 259 -12.73 12.23 -13.47
CA GLN B 259 -12.92 10.80 -13.68
C GLN B 259 -13.13 10.49 -15.15
N SER B 260 -13.72 11.44 -15.90
CA SER B 260 -13.64 11.27 -17.33
C SER B 260 -13.44 12.65 -17.98
N TRP B 261 -12.82 12.68 -19.15
CA TRP B 261 -12.21 13.91 -19.65
C TRP B 261 -12.91 14.39 -20.91
N GLU B 262 -14.09 13.82 -21.22
CA GLU B 262 -14.74 14.19 -22.47
C GLU B 262 -15.05 15.69 -22.53
N ASN B 263 -15.33 16.35 -21.38
CA ASN B 263 -15.70 17.75 -21.41
C ASN B 263 -14.54 18.63 -21.92
N ILE B 264 -13.28 18.16 -21.95
CA ILE B 264 -12.23 19.03 -22.49
C ILE B 264 -11.84 18.59 -23.90
N TYR B 265 -12.64 17.79 -24.59
CA TYR B 265 -12.34 17.34 -25.95
C TYR B 265 -12.00 18.50 -26.90
N ASP B 266 -12.68 19.63 -26.74
CA ASP B 266 -12.47 20.78 -27.61
C ASP B 266 -11.03 21.30 -27.47
N MET B 267 -10.34 21.01 -26.35
CA MET B 267 -8.98 21.49 -26.22
C MET B 267 -7.93 20.51 -26.70
N VAL B 268 -8.34 19.30 -27.10
CA VAL B 268 -7.30 18.28 -27.22
C VAL B 268 -7.50 17.56 -28.55
N VAL B 269 -8.56 17.94 -29.28
CA VAL B 269 -9.01 17.25 -30.47
C VAL B 269 -7.86 17.05 -31.46
N PRO B 270 -7.49 15.79 -31.80
CA PRO B 270 -6.34 15.52 -32.67
C PRO B 270 -6.28 16.32 -33.97
N PHE B 271 -7.41 16.36 -34.70
CA PHE B 271 -7.50 17.01 -36.00
C PHE B 271 -8.63 18.04 -35.88
N PRO B 272 -8.29 19.22 -35.31
CA PRO B 272 -9.29 20.27 -35.00
C PRO B 272 -10.33 20.79 -35.97
N ASP B 273 -9.98 20.70 -37.27
CA ASP B 273 -10.70 21.27 -38.40
C ASP B 273 -12.02 20.55 -38.62
N LYS B 274 -11.92 19.22 -38.66
CA LYS B 274 -12.98 18.27 -38.98
C LYS B 274 -14.27 18.65 -38.27
N PRO B 275 -15.40 17.95 -38.54
CA PRO B 275 -16.67 18.28 -37.88
C PRO B 275 -16.64 17.99 -36.38
N ASN B 276 -17.54 18.65 -35.66
CA ASN B 276 -17.53 18.63 -34.22
C ASN B 276 -18.31 17.40 -33.70
N LEU B 277 -17.57 16.40 -33.17
CA LEU B 277 -18.19 15.17 -32.69
C LEU B 277 -18.90 15.36 -31.35
N ASP B 278 -18.85 16.57 -30.78
CA ASP B 278 -19.68 16.90 -29.64
C ASP B 278 -20.96 17.57 -30.11
N VAL B 279 -22.06 16.85 -30.01
CA VAL B 279 -23.33 17.21 -30.61
C VAL B 279 -24.21 17.98 -29.65
N THR B 280 -23.67 18.39 -28.51
CA THR B 280 -24.43 19.20 -27.58
C THR B 280 -25.01 20.46 -28.24
N SER B 281 -24.16 21.21 -29.00
CA SER B 281 -24.67 22.48 -29.54
C SER B 281 -25.83 22.22 -30.48
N THR B 282 -25.78 21.09 -31.21
CA THR B 282 -26.89 20.72 -32.08
C THR B 282 -28.13 20.32 -31.27
N MET B 283 -27.96 19.60 -30.14
CA MET B 283 -29.13 19.23 -29.33
C MET B 283 -29.89 20.47 -28.85
N LEU B 284 -29.10 21.48 -28.41
CA LEU B 284 -29.67 22.73 -27.94
C LEU B 284 -30.18 23.47 -29.18
N GLN B 285 -29.45 23.43 -30.30
CA GLN B 285 -29.89 24.18 -31.48
C GLN B 285 -31.28 23.71 -31.91
N GLN B 286 -31.52 22.39 -31.88
CA GLN B 286 -32.78 21.75 -32.22
C GLN B 286 -33.74 21.67 -31.05
N GLY B 287 -33.38 22.24 -29.90
CA GLY B 287 -34.43 22.24 -28.88
C GLY B 287 -34.70 20.92 -28.16
N TRP B 288 -33.75 19.94 -28.07
CA TRP B 288 -34.03 18.74 -27.25
C TRP B 288 -34.32 19.08 -25.78
N GLN B 289 -35.12 18.26 -25.10
CA GLN B 289 -35.43 18.38 -23.67
C GLN B 289 -35.27 16.99 -23.06
N ALA B 290 -35.48 16.88 -21.72
CA ALA B 290 -35.20 15.64 -21.00
C ALA B 290 -36.05 14.52 -21.59
N THR B 291 -37.32 14.83 -21.79
CA THR B 291 -38.23 13.78 -22.23
C THR B 291 -37.81 13.26 -23.61
N HIS B 292 -37.36 14.13 -24.51
CA HIS B 292 -36.92 13.64 -25.80
C HIS B 292 -35.76 12.66 -25.66
N MET B 293 -34.85 12.95 -24.71
CA MET B 293 -33.63 12.17 -24.57
C MET B 293 -34.02 10.79 -24.12
N PHE B 294 -34.97 10.74 -23.21
CA PHE B 294 -35.45 9.46 -22.71
C PHE B 294 -36.21 8.66 -23.79
N ARG B 295 -36.96 9.32 -24.67
CA ARG B 295 -37.75 8.62 -25.71
C ARG B 295 -36.81 8.15 -26.78
N VAL B 296 -35.73 8.92 -27.05
CA VAL B 296 -34.76 8.40 -28.01
C VAL B 296 -34.02 7.17 -27.50
N ALA B 297 -33.60 7.22 -26.22
CA ALA B 297 -32.96 6.08 -25.57
C ALA B 297 -33.94 4.90 -25.57
N GLU B 298 -35.16 5.16 -25.16
CA GLU B 298 -36.15 4.09 -25.18
C GLU B 298 -36.17 3.42 -26.55
N GLU B 299 -36.20 4.23 -27.64
CA GLU B 299 -36.46 3.66 -28.94
C GLU B 299 -35.30 2.75 -29.39
N PHE B 300 -34.06 3.09 -28.95
CA PHE B 300 -32.91 2.19 -29.13
C PHE B 300 -33.28 0.82 -28.54
N PHE B 301 -33.74 0.80 -27.29
CA PHE B 301 -34.11 -0.45 -26.65
C PHE B 301 -35.17 -1.18 -27.48
N THR B 302 -36.27 -0.50 -27.90
CA THR B 302 -37.36 -1.16 -28.62
C THR B 302 -36.83 -1.64 -29.95
N SER B 303 -35.78 -0.99 -30.48
CA SER B 303 -35.31 -1.35 -31.81
C SER B 303 -34.65 -2.73 -31.76
N LEU B 304 -34.24 -3.17 -30.56
CA LEU B 304 -33.55 -4.45 -30.34
C LEU B 304 -34.60 -5.46 -29.89
N GLU B 305 -35.86 -5.00 -29.81
CA GLU B 305 -36.94 -5.83 -29.30
C GLU B 305 -36.78 -6.07 -27.80
N LEU B 306 -36.24 -5.08 -27.12
CA LEU B 306 -36.29 -5.06 -25.67
C LEU B 306 -37.54 -4.30 -25.32
N SER B 307 -37.88 -4.24 -24.04
CA SER B 307 -39.18 -3.68 -23.66
C SER B 307 -39.10 -2.17 -23.68
N PRO B 308 -40.23 -1.50 -23.99
CA PRO B 308 -40.38 -0.07 -23.81
C PRO B 308 -40.44 0.18 -22.31
N MET B 309 -40.32 1.45 -21.95
CA MET B 309 -40.55 1.84 -20.56
C MET B 309 -42.07 1.78 -20.34
N PRO B 310 -42.53 1.14 -19.25
CA PRO B 310 -43.95 1.07 -18.94
C PRO B 310 -44.58 2.41 -18.55
N PRO B 311 -45.93 2.47 -18.52
CA PRO B 311 -46.60 3.71 -18.15
C PRO B 311 -46.21 4.21 -16.76
N GLU B 312 -46.05 3.29 -15.79
CA GLU B 312 -45.63 3.69 -14.43
C GLU B 312 -44.30 4.46 -14.39
N PHE B 313 -43.34 4.06 -15.24
CA PHE B 313 -42.07 4.77 -15.47
C PHE B 313 -42.31 6.23 -15.81
N TRP B 314 -43.09 6.50 -16.89
CA TRP B 314 -43.28 7.89 -17.30
C TRP B 314 -44.06 8.64 -16.25
N GLU B 315 -45.03 7.98 -15.61
CA GLU B 315 -45.83 8.70 -14.62
C GLU B 315 -45.02 8.99 -13.34
N GLY B 316 -44.11 8.09 -12.94
CA GLY B 316 -43.42 8.27 -11.66
C GLY B 316 -42.09 9.02 -11.72
N SER B 317 -41.41 9.04 -12.87
CA SER B 317 -40.00 9.39 -12.86
C SER B 317 -39.84 10.85 -12.58
N MET B 318 -38.69 11.24 -12.00
CA MET B 318 -38.33 12.64 -11.89
C MET B 318 -37.23 12.83 -12.93
N LEU B 319 -37.53 13.55 -14.02
CA LEU B 319 -36.68 13.51 -15.19
C LEU B 319 -35.95 14.84 -15.31
N GLU B 320 -36.39 15.84 -14.54
CA GLU B 320 -35.66 17.10 -14.45
C GLU B 320 -35.60 17.50 -12.99
N LYS B 321 -34.72 18.46 -12.67
CA LYS B 321 -34.61 18.99 -11.31
C LYS B 321 -35.82 19.89 -11.02
N PRO B 322 -36.61 19.63 -9.96
CA PRO B 322 -37.82 20.42 -9.68
C PRO B 322 -37.51 21.90 -9.55
N ALA B 323 -38.43 22.73 -10.06
CA ALA B 323 -38.28 24.19 -9.95
C ALA B 323 -39.06 24.75 -8.76
N ASP B 324 -39.82 23.89 -8.07
CA ASP B 324 -40.51 24.27 -6.84
C ASP B 324 -39.52 24.23 -5.68
N GLY B 325 -38.84 25.36 -5.39
CA GLY B 325 -37.70 25.34 -4.48
C GLY B 325 -37.73 24.14 -3.53
N ARG B 326 -36.99 23.06 -3.85
CA ARG B 326 -37.01 21.83 -3.08
C ARG B 326 -35.66 21.12 -3.24
N GLU B 327 -35.06 20.69 -2.12
CA GLU B 327 -33.81 19.96 -2.15
C GLU B 327 -34.09 18.54 -2.66
N VAL B 328 -33.30 18.08 -3.66
CA VAL B 328 -33.41 16.70 -4.13
C VAL B 328 -32.00 16.11 -4.18
N VAL B 329 -31.89 14.78 -4.23
CA VAL B 329 -30.65 14.15 -4.63
C VAL B 329 -30.57 14.17 -6.15
N CYS B 330 -29.70 15.00 -6.71
CA CYS B 330 -29.59 15.05 -8.15
C CYS B 330 -28.87 13.82 -8.74
N HIS B 331 -27.96 13.16 -8.02
CA HIS B 331 -27.14 12.14 -8.67
C HIS B 331 -28.04 11.14 -9.39
N ALA B 332 -27.85 10.88 -10.70
CA ALA B 332 -28.82 10.06 -11.45
C ALA B 332 -28.96 8.64 -10.93
N SER B 333 -30.20 8.10 -10.87
CA SER B 333 -30.31 6.72 -10.39
C SER B 333 -31.58 6.06 -10.93
N ALA B 334 -31.55 4.73 -10.94
CA ALA B 334 -32.57 3.85 -11.48
C ALA B 334 -33.17 3.07 -10.31
N TRP B 335 -34.51 3.09 -10.19
CA TRP B 335 -35.15 2.60 -8.99
C TRP B 335 -36.18 1.56 -9.35
N ASP B 336 -35.96 0.37 -8.79
CA ASP B 336 -36.88 -0.75 -8.76
C ASP B 336 -37.70 -0.76 -7.47
N PHE B 337 -39.02 -0.48 -7.55
CA PHE B 337 -39.78 -0.42 -6.32
C PHE B 337 -40.12 -1.79 -5.78
N TYR B 338 -39.65 -2.87 -6.43
CA TYR B 338 -39.90 -4.20 -5.93
C TYR B 338 -41.40 -4.58 -5.86
N ASN B 339 -42.28 -3.88 -6.56
CA ASN B 339 -43.66 -4.37 -6.60
C ASN B 339 -44.06 -4.78 -8.02
N ARG B 340 -43.07 -4.89 -8.91
CA ARG B 340 -43.28 -5.47 -10.23
C ARG B 340 -43.94 -4.49 -11.20
N LYS B 341 -44.25 -3.29 -10.72
CA LYS B 341 -45.02 -2.35 -11.52
C LYS B 341 -44.28 -1.02 -11.62
N ASP B 342 -43.74 -0.57 -10.48
CA ASP B 342 -43.05 0.71 -10.42
C ASP B 342 -41.56 0.53 -10.74
N PHE B 343 -41.06 1.52 -11.49
CA PHE B 343 -39.73 1.60 -12.05
C PHE B 343 -39.55 3.06 -12.44
N ARG B 344 -38.49 3.67 -11.94
CA ARG B 344 -38.37 5.08 -12.16
C ARG B 344 -36.90 5.43 -12.33
N ILE B 345 -36.65 6.50 -13.07
CA ILE B 345 -35.35 7.13 -13.02
C ILE B 345 -35.57 8.44 -12.29
N LYS B 346 -34.61 8.80 -11.42
CA LYS B 346 -34.54 10.09 -10.79
C LYS B 346 -33.26 10.74 -11.35
N GLN B 347 -33.40 11.71 -12.28
CA GLN B 347 -32.26 12.35 -12.94
C GLN B 347 -32.56 13.83 -13.08
N CYS B 348 -31.59 14.69 -12.70
CA CYS B 348 -31.68 16.11 -12.94
C CYS B 348 -31.12 16.39 -14.32
N THR B 349 -31.78 15.79 -15.32
CA THR B 349 -31.22 15.75 -16.66
C THR B 349 -30.99 17.16 -17.15
N ARG B 350 -29.88 17.34 -17.85
CA ARG B 350 -29.50 18.53 -18.60
C ARG B 350 -29.25 18.09 -20.03
N VAL B 351 -29.39 19.02 -20.96
CA VAL B 351 -29.30 18.70 -22.36
C VAL B 351 -27.86 18.85 -22.88
N THR B 352 -27.13 17.71 -22.89
CA THR B 352 -25.74 17.60 -23.34
C THR B 352 -25.50 16.19 -23.88
N MET B 353 -24.43 15.97 -24.62
CA MET B 353 -24.18 14.67 -25.17
C MET B 353 -23.81 13.72 -24.02
N ASP B 354 -23.05 14.17 -23.03
CA ASP B 354 -22.65 13.25 -21.98
C ASP B 354 -23.87 12.83 -21.14
N GLN B 355 -24.86 13.72 -20.97
CA GLN B 355 -26.09 13.35 -20.30
C GLN B 355 -26.95 12.40 -21.13
N LEU B 356 -26.91 12.47 -22.47
CA LEU B 356 -27.65 11.49 -23.26
C LEU B 356 -27.07 10.10 -22.97
N SER B 357 -25.73 10.05 -22.82
N SER B 357 -25.74 10.05 -22.81
CA SER B 357 -25.09 8.81 -22.43
CA SER B 357 -25.07 8.82 -22.41
C SER B 357 -25.56 8.34 -21.05
C SER B 357 -25.57 8.34 -21.04
N THR B 358 -25.60 9.24 -20.05
CA THR B 358 -26.07 8.91 -18.72
C THR B 358 -27.51 8.40 -18.82
N VAL B 359 -28.33 9.03 -19.64
CA VAL B 359 -29.71 8.55 -19.79
C VAL B 359 -29.76 7.10 -20.25
N HIS B 360 -28.94 6.73 -21.25
CA HIS B 360 -28.79 5.33 -21.68
C HIS B 360 -28.33 4.47 -20.50
N HIS B 361 -27.42 5.01 -19.70
CA HIS B 361 -26.81 4.21 -18.66
C HIS B 361 -27.93 3.86 -17.68
N GLU B 362 -28.68 4.89 -17.25
CA GLU B 362 -29.76 4.67 -16.29
C GLU B 362 -30.84 3.73 -16.86
N MET B 363 -31.17 3.87 -18.15
CA MET B 363 -32.29 3.09 -18.71
C MET B 363 -31.83 1.66 -18.82
N GLY B 364 -30.50 1.49 -18.91
CA GLY B 364 -29.86 0.17 -18.91
C GLY B 364 -30.27 -0.60 -17.64
N HIS B 365 -30.25 0.10 -16.48
CA HIS B 365 -30.62 -0.53 -15.23
C HIS B 365 -32.12 -0.87 -15.28
N ILE B 366 -32.93 0.10 -15.73
CA ILE B 366 -34.37 -0.06 -15.76
C ILE B 366 -34.68 -1.29 -16.57
N GLN B 367 -34.03 -1.39 -17.75
CA GLN B 367 -34.30 -2.48 -18.64
C GLN B 367 -34.14 -3.79 -17.87
N TYR B 368 -32.99 -3.92 -17.18
CA TYR B 368 -32.72 -5.10 -16.37
C TYR B 368 -33.89 -5.38 -15.41
N TYR B 369 -34.32 -4.35 -14.68
CA TYR B 369 -35.44 -4.47 -13.76
C TYR B 369 -36.70 -5.02 -14.44
N LEU B 370 -36.91 -4.69 -15.75
CA LEU B 370 -38.16 -4.97 -16.47
C LEU B 370 -38.09 -6.44 -16.87
N GLN B 371 -36.89 -6.85 -17.28
CA GLN B 371 -36.76 -8.21 -17.74
C GLN B 371 -36.57 -9.27 -16.67
N TYR B 372 -36.38 -8.88 -15.40
CA TYR B 372 -36.21 -9.84 -14.31
C TYR B 372 -37.34 -9.71 -13.25
N LYS B 373 -38.43 -8.98 -13.57
CA LYS B 373 -39.38 -8.60 -12.53
C LYS B 373 -40.10 -9.82 -11.93
N ASP B 374 -40.14 -10.92 -12.69
CA ASP B 374 -41.01 -12.05 -12.35
C ASP B 374 -40.21 -13.03 -11.50
N LEU B 375 -38.94 -12.70 -11.25
CA LEU B 375 -38.12 -13.52 -10.37
C LEU B 375 -38.40 -13.20 -8.90
N PRO B 376 -38.07 -14.22 -8.07
CA PRO B 376 -38.01 -14.08 -6.62
C PRO B 376 -37.16 -12.87 -6.21
N VAL B 377 -37.74 -12.03 -5.32
CA VAL B 377 -37.28 -10.72 -4.91
C VAL B 377 -35.76 -10.77 -4.72
N SER B 378 -35.25 -11.84 -4.07
CA SER B 378 -33.83 -11.91 -3.72
C SER B 378 -32.99 -12.05 -4.98
N LEU B 379 -33.68 -12.34 -6.11
CA LEU B 379 -32.99 -12.68 -7.35
C LEU B 379 -33.04 -11.53 -8.33
N ARG B 380 -33.73 -10.44 -7.99
CA ARG B 380 -33.80 -9.30 -8.92
C ARG B 380 -32.52 -8.44 -8.73
N ARG B 381 -31.38 -8.96 -9.19
CA ARG B 381 -30.04 -8.38 -9.05
C ARG B 381 -29.34 -8.73 -10.36
N GLY B 382 -28.24 -8.03 -10.76
CA GLY B 382 -27.53 -8.34 -12.00
C GLY B 382 -26.76 -9.61 -11.77
N ALA B 383 -26.05 -10.13 -12.77
CA ALA B 383 -25.40 -11.40 -12.60
C ALA B 383 -24.20 -11.22 -11.67
N ASN B 384 -23.54 -10.08 -11.81
CA ASN B 384 -22.76 -9.47 -10.77
C ASN B 384 -23.00 -7.97 -10.97
N PRO B 385 -22.62 -7.10 -10.01
CA PRO B 385 -22.85 -5.67 -10.15
C PRO B 385 -22.33 -5.05 -11.44
N GLY B 386 -21.19 -5.56 -11.94
CA GLY B 386 -20.56 -5.12 -13.18
C GLY B 386 -21.53 -5.22 -14.38
N PHE B 387 -22.29 -6.32 -14.42
CA PHE B 387 -23.29 -6.55 -15.46
C PHE B 387 -24.31 -5.42 -15.51
N HIS B 388 -24.88 -5.07 -14.35
CA HIS B 388 -25.89 -4.05 -14.30
C HIS B 388 -25.34 -2.74 -14.88
N GLU B 389 -24.06 -2.41 -14.57
CA GLU B 389 -23.47 -1.12 -14.95
C GLU B 389 -23.11 -1.14 -16.45
N ALA B 390 -23.02 -2.33 -17.07
CA ALA B 390 -22.55 -2.36 -18.45
C ALA B 390 -23.68 -2.18 -19.48
N ILE B 391 -24.94 -2.43 -19.11
CA ILE B 391 -25.98 -2.71 -20.10
C ILE B 391 -26.27 -1.46 -20.96
N GLY B 392 -26.61 -0.35 -20.27
CA GLY B 392 -26.78 0.96 -20.89
C GLY B 392 -25.54 1.44 -21.66
N ASP B 393 -24.36 1.30 -21.06
CA ASP B 393 -23.14 1.79 -21.69
C ASP B 393 -22.93 1.07 -23.02
N VAL B 394 -23.26 -0.24 -23.12
CA VAL B 394 -23.11 -0.93 -24.42
C VAL B 394 -23.95 -0.27 -25.52
N LEU B 395 -25.23 0.03 -25.26
CA LEU B 395 -26.05 0.69 -26.29
C LEU B 395 -25.45 2.07 -26.61
N ALA B 396 -25.02 2.83 -25.57
CA ALA B 396 -24.45 4.16 -25.74
C ALA B 396 -23.24 4.12 -26.66
N LEU B 397 -22.48 3.04 -26.63
CA LEU B 397 -21.39 2.95 -27.57
C LEU B 397 -21.88 3.02 -29.02
N SER B 398 -22.96 2.32 -29.34
CA SER B 398 -23.59 2.37 -30.65
C SER B 398 -24.13 3.78 -30.89
N VAL B 399 -24.76 4.38 -29.87
CA VAL B 399 -25.41 5.65 -30.09
C VAL B 399 -24.38 6.69 -30.48
N SER B 400 -23.18 6.58 -29.92
CA SER B 400 -22.25 7.66 -30.06
C SER B 400 -21.45 7.62 -31.40
N THR B 401 -21.53 6.53 -32.17
CA THR B 401 -20.84 6.50 -33.44
C THR B 401 -21.30 7.67 -34.31
N PRO B 402 -20.42 8.31 -35.10
CA PRO B 402 -20.86 9.31 -36.07
C PRO B 402 -21.96 8.83 -37.03
N GLU B 403 -21.89 7.58 -37.47
CA GLU B 403 -22.95 7.03 -38.31
C GLU B 403 -24.31 7.02 -37.58
N HIS B 404 -24.32 6.63 -36.32
CA HIS B 404 -25.60 6.62 -35.64
C HIS B 404 -26.11 8.04 -35.35
N LEU B 405 -25.20 8.95 -34.97
CA LEU B 405 -25.60 10.32 -34.63
C LEU B 405 -26.15 10.96 -35.91
N HIS B 406 -25.49 10.68 -37.04
CA HIS B 406 -26.09 11.06 -38.33
C HIS B 406 -27.51 10.50 -38.50
N LYS B 407 -27.79 9.24 -38.15
CA LYS B 407 -29.11 8.66 -38.38
C LYS B 407 -30.19 9.32 -37.53
N ILE B 408 -29.84 9.90 -36.37
CA ILE B 408 -30.86 10.51 -35.51
C ILE B 408 -30.72 12.03 -35.62
N GLY B 409 -30.01 12.50 -36.66
CA GLY B 409 -30.07 13.90 -37.06
C GLY B 409 -29.25 14.84 -36.17
N LEU B 410 -28.24 14.29 -35.50
CA LEU B 410 -27.45 15.12 -34.58
C LEU B 410 -26.10 15.45 -35.22
N LEU B 411 -25.81 14.93 -36.41
CA LEU B 411 -24.49 15.13 -37.01
C LEU B 411 -24.71 15.07 -38.51
N ASP B 412 -24.66 16.24 -39.16
CA ASP B 412 -25.09 16.39 -40.53
C ASP B 412 -23.87 16.40 -41.43
N ARG B 413 -23.32 15.19 -41.67
CA ARG B 413 -22.06 14.97 -42.39
C ARG B 413 -21.45 13.71 -41.81
N VAL B 414 -20.57 13.06 -42.58
CA VAL B 414 -19.79 11.91 -42.13
C VAL B 414 -18.66 11.72 -43.13
N THR B 415 -17.49 11.30 -42.68
CA THR B 415 -16.39 11.09 -43.61
C THR B 415 -15.48 9.98 -43.09
N ASN B 416 -15.46 8.84 -43.77
CA ASN B 416 -14.78 7.66 -43.28
C ASN B 416 -13.28 7.80 -43.57
N ASP B 417 -12.64 8.85 -43.04
CA ASP B 417 -11.20 8.95 -43.24
C ASP B 417 -10.45 8.60 -41.96
N THR B 418 -9.15 8.29 -42.11
CA THR B 418 -8.27 8.04 -40.98
C THR B 418 -8.34 9.12 -39.89
N GLU B 419 -8.53 10.39 -40.28
CA GLU B 419 -8.51 11.50 -39.33
C GLU B 419 -9.77 11.62 -38.47
N SER B 420 -10.95 11.35 -39.05
CA SER B 420 -12.16 11.44 -38.26
C SER B 420 -12.17 10.26 -37.29
N ASP B 421 -11.63 9.12 -37.74
CA ASP B 421 -11.52 7.92 -36.93
C ASP B 421 -10.69 8.20 -35.69
N ILE B 422 -9.54 8.86 -35.89
CA ILE B 422 -8.65 9.25 -34.80
C ILE B 422 -9.42 10.14 -33.82
N ASN B 423 -10.19 11.07 -34.38
CA ASN B 423 -10.85 12.07 -33.56
C ASN B 423 -11.91 11.40 -32.70
N TYR B 424 -12.72 10.54 -33.33
CA TYR B 424 -13.79 9.78 -32.69
C TYR B 424 -13.15 8.86 -31.64
N LEU B 425 -12.06 8.16 -31.98
CA LEU B 425 -11.47 7.27 -30.99
C LEU B 425 -10.86 8.03 -29.80
N LEU B 426 -10.39 9.25 -30.05
CA LEU B 426 -9.86 10.09 -28.98
C LEU B 426 -10.98 10.58 -28.04
N LYS B 427 -12.08 11.08 -28.57
CA LYS B 427 -13.15 11.50 -27.71
C LYS B 427 -13.59 10.28 -26.88
N MET B 428 -13.63 9.06 -27.46
CA MET B 428 -14.11 7.88 -26.74
C MET B 428 -13.09 7.52 -25.69
N ALA B 429 -11.81 7.84 -25.96
CA ALA B 429 -10.75 7.56 -25.01
C ALA B 429 -10.87 8.51 -23.81
N LEU B 430 -11.14 9.80 -24.04
CA LEU B 430 -11.42 10.72 -22.92
C LEU B 430 -12.53 10.22 -21.97
N GLU B 431 -13.58 9.58 -22.52
CA GLU B 431 -14.71 9.14 -21.71
C GLU B 431 -14.38 7.80 -21.04
N LYS B 432 -13.68 6.88 -21.75
CA LYS B 432 -13.56 5.51 -21.31
C LYS B 432 -12.21 5.18 -20.67
N ILE B 433 -11.10 5.55 -21.35
N ILE B 433 -11.11 5.56 -21.37
CA ILE B 433 -9.76 5.15 -20.92
CA ILE B 433 -9.74 5.24 -20.99
C ILE B 433 -9.38 6.01 -19.69
C ILE B 433 -9.38 6.01 -19.72
N ALA B 434 -9.71 7.30 -19.72
CA ALA B 434 -9.44 8.20 -18.60
C ALA B 434 -10.05 7.70 -17.29
N PHE B 435 -11.23 7.05 -17.36
CA PHE B 435 -12.02 6.54 -16.26
C PHE B 435 -11.32 5.37 -15.59
N LEU B 436 -10.56 4.57 -16.35
CA LEU B 436 -10.09 3.29 -15.86
C LEU B 436 -9.33 3.38 -14.54
N PRO B 437 -8.32 4.27 -14.39
CA PRO B 437 -7.61 4.32 -13.13
C PRO B 437 -8.54 4.73 -11.99
N PHE B 438 -9.51 5.61 -12.21
CA PHE B 438 -10.37 6.06 -11.12
C PHE B 438 -11.36 4.94 -10.83
N GLY B 439 -11.85 4.22 -11.86
CA GLY B 439 -12.75 3.12 -11.56
C GLY B 439 -12.04 2.11 -10.65
N TYR B 440 -10.74 1.94 -10.91
CA TYR B 440 -9.97 0.92 -10.23
C TYR B 440 -9.65 1.36 -8.81
N LEU B 441 -9.32 2.66 -8.63
CA LEU B 441 -8.71 3.06 -7.38
C LEU B 441 -9.74 3.25 -6.25
N VAL B 442 -10.99 3.60 -6.56
CA VAL B 442 -11.88 4.04 -5.49
C VAL B 442 -12.04 2.95 -4.40
N ASP B 443 -12.30 1.72 -4.85
CA ASP B 443 -12.49 0.61 -3.91
C ASP B 443 -11.13 0.16 -3.36
N GLN B 444 -10.02 0.37 -4.09
CA GLN B 444 -8.73 0.14 -3.46
C GLN B 444 -8.64 0.95 -2.17
N TRP B 445 -9.07 2.21 -2.23
CA TRP B 445 -9.10 3.06 -1.04
C TRP B 445 -10.07 2.53 0.04
N ARG B 446 -11.31 2.19 -0.40
CA ARG B 446 -12.36 1.81 0.53
C ARG B 446 -12.10 0.44 1.16
N TRP B 447 -11.56 -0.49 0.37
CA TRP B 447 -11.13 -1.78 0.88
C TRP B 447 -10.05 -1.60 1.95
N GLY B 448 -9.15 -0.60 1.82
CA GLY B 448 -8.15 -0.43 2.89
C GLY B 448 -8.76 0.28 4.10
N VAL B 449 -9.78 1.11 3.86
CA VAL B 449 -10.50 1.68 5.00
C VAL B 449 -11.18 0.55 5.82
N PHE B 450 -11.97 -0.31 5.14
CA PHE B 450 -12.72 -1.38 5.79
C PHE B 450 -11.81 -2.35 6.54
N SER B 451 -10.67 -2.68 5.91
CA SER B 451 -9.70 -3.58 6.45
C SER B 451 -8.97 -2.96 7.64
N GLY B 452 -8.99 -1.63 7.82
CA GLY B 452 -8.18 -1.03 8.88
C GLY B 452 -6.76 -0.71 8.41
N ARG B 453 -6.36 -1.08 7.19
CA ARG B 453 -5.09 -0.62 6.60
C ARG B 453 -5.00 0.90 6.57
N THR B 454 -6.17 1.53 6.37
CA THR B 454 -6.33 2.97 6.29
C THR B 454 -7.24 3.43 7.42
N PRO B 455 -6.68 3.86 8.59
CA PRO B 455 -7.46 4.39 9.72
C PRO B 455 -7.78 5.83 9.41
N PRO B 456 -8.67 6.49 10.17
CA PRO B 456 -9.04 7.89 9.94
C PRO B 456 -7.88 8.85 9.77
N SER B 457 -6.77 8.50 10.45
CA SER B 457 -5.64 9.44 10.49
C SER B 457 -4.92 9.36 9.12
N ARG B 458 -5.30 8.38 8.24
CA ARG B 458 -4.71 8.37 6.90
C ARG B 458 -5.75 8.42 5.77
N TYR B 459 -7.01 8.82 6.05
CA TYR B 459 -8.02 8.86 4.99
C TYR B 459 -7.56 9.66 3.76
N ASN B 460 -6.99 10.87 3.98
CA ASN B 460 -6.79 11.75 2.84
C ASN B 460 -5.43 11.38 2.26
N PHE B 461 -4.46 11.04 3.14
CA PHE B 461 -3.11 10.73 2.71
C PHE B 461 -3.20 9.54 1.76
N ASP B 462 -3.97 8.52 2.15
CA ASP B 462 -4.04 7.34 1.31
C ASP B 462 -4.89 7.52 0.07
N TRP B 463 -5.88 8.42 0.16
CA TRP B 463 -6.66 8.78 -1.03
C TRP B 463 -5.80 9.44 -2.09
N TRP B 464 -5.03 10.42 -1.67
CA TRP B 464 -4.20 11.10 -2.63
C TRP B 464 -3.05 10.20 -3.09
N TYR B 465 -2.50 9.36 -2.22
CA TYR B 465 -1.50 8.40 -2.69
C TYR B 465 -2.05 7.70 -3.92
N LEU B 466 -3.28 7.17 -3.82
CA LEU B 466 -3.87 6.35 -4.88
C LEU B 466 -4.29 7.23 -6.10
N ARG B 467 -4.81 8.42 -5.84
CA ARG B 467 -5.14 9.31 -6.96
C ARG B 467 -3.88 9.64 -7.78
N THR B 468 -2.77 9.98 -7.12
CA THR B 468 -1.54 10.25 -7.83
C THR B 468 -1.00 8.94 -8.46
N LYS B 469 -0.94 7.84 -7.66
CA LYS B 469 -0.44 6.59 -8.23
C LYS B 469 -1.10 6.19 -9.55
N TYR B 470 -2.46 6.23 -9.55
CA TYR B 470 -3.20 5.68 -10.68
C TYR B 470 -3.57 6.75 -11.69
N GLN B 471 -4.17 7.87 -11.23
CA GLN B 471 -4.65 8.85 -12.23
C GLN B 471 -3.58 9.91 -12.55
N GLY B 472 -2.54 10.06 -11.75
CA GLY B 472 -1.50 11.00 -12.19
C GLY B 472 -1.95 12.48 -12.09
N ILE B 473 -2.74 12.77 -11.04
CA ILE B 473 -3.32 14.07 -10.73
C ILE B 473 -2.83 14.44 -9.33
N CYS B 474 -2.95 15.73 -9.03
CA CYS B 474 -2.56 16.22 -7.73
C CYS B 474 -3.60 17.24 -7.30
N PRO B 475 -3.84 17.43 -5.99
CA PRO B 475 -4.80 18.43 -5.54
C PRO B 475 -4.21 19.80 -5.87
N PRO B 476 -5.04 20.76 -6.39
CA PRO B 476 -4.53 22.08 -6.78
C PRO B 476 -4.31 23.08 -5.64
N VAL B 477 -4.83 22.74 -4.44
CA VAL B 477 -4.47 23.37 -3.16
C VAL B 477 -4.00 22.27 -2.20
N THR B 478 -3.23 22.69 -1.19
CA THR B 478 -2.74 21.80 -0.14
C THR B 478 -3.92 21.17 0.56
N ARG B 479 -3.85 19.85 0.83
CA ARG B 479 -4.83 19.14 1.63
C ARG B 479 -4.11 18.60 2.86
N ASN B 480 -4.88 18.32 3.93
CA ASN B 480 -4.41 17.70 5.15
C ASN B 480 -5.53 16.80 5.63
N GLU B 481 -5.32 16.11 6.75
CA GLU B 481 -6.31 15.16 7.21
C GLU B 481 -7.59 15.79 7.79
N THR B 482 -7.70 17.12 7.87
CA THR B 482 -9.01 17.72 8.09
C THR B 482 -9.88 17.52 6.84
N HIS B 483 -9.27 17.64 5.65
CA HIS B 483 -9.96 17.32 4.41
C HIS B 483 -10.30 15.81 4.29
N PHE B 484 -11.44 15.52 3.65
CA PHE B 484 -11.86 14.15 3.41
C PHE B 484 -12.31 14.06 1.96
N ASP B 485 -11.34 14.11 1.02
CA ASP B 485 -11.66 14.31 -0.40
C ASP B 485 -12.42 13.15 -1.03
N ALA B 486 -12.23 11.93 -0.54
CA ALA B 486 -13.00 10.78 -0.97
C ALA B 486 -14.47 11.01 -0.63
N GLY B 487 -14.74 11.71 0.48
CA GLY B 487 -16.15 11.94 0.82
C GLY B 487 -16.82 12.92 -0.12
N ALA B 488 -16.05 13.65 -0.93
CA ALA B 488 -16.73 14.51 -1.89
C ALA B 488 -17.09 13.77 -3.20
N LYS B 489 -17.04 12.43 -3.21
CA LYS B 489 -17.51 11.64 -4.33
C LYS B 489 -18.78 10.89 -3.90
N PHE B 490 -19.85 11.07 -4.66
CA PHE B 490 -21.18 10.47 -4.36
C PHE B 490 -21.13 9.15 -3.61
N HIS B 491 -20.58 8.13 -4.25
CA HIS B 491 -20.62 6.76 -3.83
C HIS B 491 -20.08 6.49 -2.42
N VAL B 492 -19.26 7.42 -1.86
CA VAL B 492 -18.65 7.19 -0.56
C VAL B 492 -19.68 7.45 0.54
N PRO B 493 -20.23 8.68 0.70
CA PRO B 493 -21.30 8.88 1.67
C PRO B 493 -22.60 8.13 1.35
N ASN B 494 -22.79 7.70 0.10
CA ASN B 494 -23.99 6.96 -0.27
C ASN B 494 -23.76 5.49 -0.17
N VAL B 495 -22.52 5.13 0.20
CA VAL B 495 -22.14 3.73 0.37
C VAL B 495 -22.50 2.85 -0.81
N THR B 496 -22.20 3.32 -2.03
CA THR B 496 -22.37 2.41 -3.17
C THR B 496 -21.00 1.88 -3.59
N PRO B 497 -20.81 0.58 -3.76
CA PRO B 497 -19.51 0.08 -4.20
C PRO B 497 -19.19 0.64 -5.59
N TYR B 498 -17.88 0.61 -5.91
CA TYR B 498 -17.33 1.30 -7.08
C TYR B 498 -16.66 0.34 -8.04
N ILE B 499 -16.07 -0.80 -7.56
CA ILE B 499 -15.30 -1.66 -8.47
C ILE B 499 -16.14 -2.18 -9.65
N ARG B 500 -17.48 -2.21 -9.48
CA ARG B 500 -18.41 -2.61 -10.53
C ARG B 500 -18.21 -1.74 -11.79
N TYR B 501 -17.71 -0.50 -11.58
CA TYR B 501 -17.62 0.38 -12.75
C TYR B 501 -16.37 0.04 -13.52
N PHE B 502 -15.27 -0.25 -12.81
CA PHE B 502 -14.08 -0.73 -13.53
C PHE B 502 -14.40 -2.03 -14.29
N VAL B 503 -15.06 -2.97 -13.63
CA VAL B 503 -15.51 -4.20 -14.30
C VAL B 503 -16.36 -3.85 -15.53
N SER B 504 -17.38 -3.01 -15.37
N SER B 504 -17.33 -2.96 -15.35
CA SER B 504 -18.21 -2.57 -16.52
CA SER B 504 -18.22 -2.57 -16.46
C SER B 504 -17.35 -2.04 -17.67
C SER B 504 -17.45 -1.94 -17.62
N PHE B 505 -16.37 -1.20 -17.34
CA PHE B 505 -15.70 -0.46 -18.39
C PHE B 505 -14.96 -1.41 -19.29
N VAL B 506 -14.49 -2.52 -18.69
CA VAL B 506 -13.88 -3.59 -19.46
C VAL B 506 -15.01 -4.45 -20.08
N LEU B 507 -15.97 -4.89 -19.27
CA LEU B 507 -16.99 -5.85 -19.74
C LEU B 507 -17.82 -5.28 -20.91
N GLN B 508 -18.18 -3.98 -20.89
CA GLN B 508 -19.00 -3.40 -21.94
C GLN B 508 -18.40 -3.58 -23.34
N PHE B 509 -17.07 -3.55 -23.47
CA PHE B 509 -16.44 -3.78 -24.77
C PHE B 509 -16.56 -5.25 -25.19
N GLN B 510 -16.58 -6.17 -24.21
CA GLN B 510 -16.79 -7.60 -24.42
C GLN B 510 -18.20 -7.78 -24.99
N PHE B 511 -19.22 -7.25 -24.28
CA PHE B 511 -20.60 -7.27 -24.69
C PHE B 511 -20.71 -6.67 -26.10
N HIS B 512 -19.93 -5.63 -26.36
CA HIS B 512 -20.15 -4.93 -27.62
C HIS B 512 -19.68 -5.81 -28.77
N GLU B 513 -18.46 -6.37 -28.64
CA GLU B 513 -17.97 -7.32 -29.63
C GLU B 513 -18.93 -8.49 -29.81
N ALA B 514 -19.47 -9.12 -28.74
CA ALA B 514 -20.41 -10.23 -28.89
C ALA B 514 -21.70 -9.77 -29.59
N LEU B 515 -22.22 -8.60 -29.18
CA LEU B 515 -23.46 -8.12 -29.78
C LEU B 515 -23.30 -7.72 -31.25
N CYS B 516 -22.16 -7.17 -31.58
CA CYS B 516 -21.93 -6.71 -32.94
C CYS B 516 -21.69 -7.91 -33.86
N LYS B 517 -21.19 -9.04 -33.30
CA LYS B 517 -21.10 -10.26 -34.12
C LYS B 517 -22.49 -10.82 -34.33
N GLU B 518 -23.25 -10.94 -33.24
CA GLU B 518 -24.60 -11.42 -33.32
C GLU B 518 -25.36 -10.61 -34.37
N ALA B 519 -25.01 -9.32 -34.53
CA ALA B 519 -25.68 -8.43 -35.48
C ALA B 519 -25.30 -8.77 -36.93
N GLY B 520 -24.22 -9.50 -37.12
CA GLY B 520 -23.67 -9.72 -38.44
C GLY B 520 -22.82 -8.55 -38.92
N TYR B 521 -22.42 -7.66 -38.03
CA TYR B 521 -21.64 -6.51 -38.48
C TYR B 521 -20.22 -6.97 -38.78
N GLU B 522 -19.53 -6.30 -39.72
CA GLU B 522 -18.26 -6.87 -40.16
C GLU B 522 -17.18 -5.79 -40.26
N GLY B 523 -17.52 -4.51 -40.07
CA GLY B 523 -16.49 -3.46 -40.17
C GLY B 523 -15.62 -3.37 -38.92
N PRO B 524 -14.87 -2.25 -38.73
CA PRO B 524 -14.12 -2.02 -37.49
C PRO B 524 -15.06 -1.93 -36.27
N LEU B 525 -14.63 -2.56 -35.18
CA LEU B 525 -15.42 -2.65 -33.95
C LEU B 525 -15.95 -1.26 -33.48
N HIS B 526 -15.17 -0.20 -33.67
CA HIS B 526 -15.59 1.08 -33.11
C HIS B 526 -16.57 1.82 -34.02
N GLN B 527 -17.02 1.14 -35.07
CA GLN B 527 -17.83 1.75 -36.11
C GLN B 527 -19.10 0.92 -36.11
N CYS B 528 -19.10 -0.16 -35.31
CA CYS B 528 -20.32 -0.94 -35.18
C CYS B 528 -21.43 -0.16 -34.49
N ASP B 529 -22.64 -0.33 -35.02
CA ASP B 529 -23.89 0.15 -34.43
C ASP B 529 -24.88 -1.00 -34.40
N ILE B 530 -25.34 -1.44 -33.23
CA ILE B 530 -26.25 -2.59 -33.12
C ILE B 530 -27.71 -2.19 -33.32
N TYR B 531 -27.99 -0.92 -33.58
CA TYR B 531 -29.37 -0.44 -33.68
C TYR B 531 -30.18 -1.34 -34.63
N ARG B 532 -31.43 -1.64 -34.22
CA ARG B 532 -32.33 -2.41 -35.05
C ARG B 532 -31.92 -3.90 -35.14
N SER B 533 -30.93 -4.38 -34.40
CA SER B 533 -30.62 -5.80 -34.57
C SER B 533 -31.42 -6.65 -33.59
N THR B 534 -32.38 -7.45 -34.10
CA THR B 534 -33.25 -8.22 -33.23
C THR B 534 -32.47 -9.41 -32.66
N LYS B 535 -31.43 -9.80 -33.38
CA LYS B 535 -30.57 -10.88 -32.87
C LYS B 535 -29.75 -10.45 -31.65
N ALA B 536 -28.92 -9.39 -31.79
CA ALA B 536 -28.26 -8.74 -30.64
C ALA B 536 -29.22 -8.63 -29.48
N GLY B 537 -30.44 -8.13 -29.75
CA GLY B 537 -31.34 -7.91 -28.62
C GLY B 537 -31.77 -9.21 -27.92
N ALA B 538 -31.92 -10.30 -28.68
CA ALA B 538 -32.36 -11.56 -28.08
C ALA B 538 -31.26 -12.10 -27.16
N LYS B 539 -30.03 -12.13 -27.68
CA LYS B 539 -28.82 -12.37 -26.89
C LYS B 539 -28.80 -11.53 -25.60
N LEU B 540 -29.01 -10.20 -25.71
CA LEU B 540 -28.99 -9.38 -24.52
C LEU B 540 -30.14 -9.73 -23.57
N ARG B 541 -31.36 -9.96 -24.12
CA ARG B 541 -32.53 -10.21 -23.28
C ARG B 541 -32.25 -11.39 -22.34
N LYS B 542 -31.52 -12.36 -22.88
CA LYS B 542 -31.26 -13.61 -22.14
C LYS B 542 -30.49 -13.34 -20.85
N VAL B 543 -29.41 -12.53 -20.98
CA VAL B 543 -28.71 -12.01 -19.81
C VAL B 543 -29.72 -11.38 -18.85
N LEU B 544 -30.53 -10.44 -19.37
CA LEU B 544 -31.23 -9.64 -18.39
C LEU B 544 -32.20 -10.48 -17.59
N ARG B 545 -32.74 -11.50 -18.28
CA ARG B 545 -33.87 -12.26 -17.76
C ARG B 545 -33.42 -13.21 -16.65
N ALA B 546 -32.12 -13.54 -16.67
CA ALA B 546 -31.49 -14.34 -15.63
C ALA B 546 -31.41 -13.66 -14.26
N GLY B 547 -31.32 -12.32 -14.17
CA GLY B 547 -30.93 -11.75 -12.89
C GLY B 547 -29.72 -12.49 -12.33
N SER B 548 -29.78 -12.78 -11.02
CA SER B 548 -28.66 -13.42 -10.33
C SER B 548 -28.95 -14.88 -10.03
N SER B 549 -29.76 -15.51 -10.91
CA SER B 549 -30.24 -16.87 -10.72
C SER B 549 -29.16 -17.86 -11.15
N ARG B 550 -28.24 -17.45 -12.04
CA ARG B 550 -27.12 -18.32 -12.39
C ARG B 550 -25.78 -17.63 -12.07
N PRO B 551 -24.64 -18.37 -12.06
CA PRO B 551 -23.33 -17.78 -11.80
C PRO B 551 -22.92 -16.85 -12.94
N TRP B 552 -22.41 -15.64 -12.61
CA TRP B 552 -22.08 -14.69 -13.67
C TRP B 552 -21.10 -15.29 -14.68
N GLN B 553 -20.16 -16.14 -14.26
CA GLN B 553 -19.19 -16.65 -15.22
C GLN B 553 -19.84 -17.55 -16.28
N GLU B 554 -21.01 -18.08 -15.89
CA GLU B 554 -21.70 -18.94 -16.84
C GLU B 554 -22.57 -18.03 -17.72
N VAL B 555 -23.19 -17.02 -17.11
CA VAL B 555 -23.99 -16.11 -17.90
C VAL B 555 -23.08 -15.52 -18.98
N LEU B 556 -21.84 -15.09 -18.63
CA LEU B 556 -20.88 -14.46 -19.56
C LEU B 556 -20.54 -15.39 -20.69
N LYS B 557 -20.38 -16.65 -20.32
CA LYS B 557 -19.99 -17.71 -21.26
C LYS B 557 -21.07 -17.90 -22.34
N ASP B 558 -22.33 -18.05 -21.92
CA ASP B 558 -23.42 -18.11 -22.89
C ASP B 558 -23.26 -16.89 -23.81
N MET B 559 -23.02 -15.70 -23.21
CA MET B 559 -23.12 -14.45 -23.96
C MET B 559 -22.00 -14.21 -24.97
N VAL B 560 -20.72 -14.32 -24.59
CA VAL B 560 -19.63 -13.84 -25.43
C VAL B 560 -18.69 -14.98 -25.74
N GLY B 561 -18.94 -16.14 -25.09
CA GLY B 561 -18.14 -17.35 -25.21
C GLY B 561 -16.78 -17.29 -24.49
N LEU B 562 -16.73 -16.60 -23.37
CA LEU B 562 -15.56 -16.68 -22.50
C LEU B 562 -16.11 -16.53 -21.12
N ASP B 563 -15.45 -17.16 -20.14
CA ASP B 563 -16.04 -17.20 -18.80
C ASP B 563 -15.34 -16.19 -17.88
N ALA B 564 -14.49 -15.32 -18.44
CA ALA B 564 -13.84 -14.30 -17.61
C ALA B 564 -13.88 -12.89 -18.20
N LEU B 565 -13.81 -11.85 -17.34
CA LEU B 565 -13.41 -10.51 -17.80
C LEU B 565 -12.18 -10.64 -18.67
N ASP B 566 -12.05 -9.77 -19.69
CA ASP B 566 -10.93 -9.76 -20.63
C ASP B 566 -10.84 -8.39 -21.33
N ALA B 567 -9.59 -7.87 -21.46
CA ALA B 567 -9.31 -6.53 -21.95
C ALA B 567 -9.21 -6.47 -23.47
N GLN B 568 -9.09 -7.62 -24.14
CA GLN B 568 -8.83 -7.59 -25.57
C GLN B 568 -9.87 -6.81 -26.37
N PRO B 569 -11.18 -7.04 -26.18
CA PRO B 569 -12.17 -6.30 -26.99
C PRO B 569 -11.90 -4.80 -26.80
N LEU B 570 -11.64 -4.37 -25.54
CA LEU B 570 -11.37 -2.95 -25.30
C LEU B 570 -10.18 -2.48 -26.10
N LEU B 571 -9.12 -3.29 -26.07
CA LEU B 571 -7.85 -2.94 -26.71
C LEU B 571 -8.10 -2.87 -28.21
N LYS B 572 -8.91 -3.81 -28.69
CA LYS B 572 -9.15 -3.88 -30.14
C LYS B 572 -9.94 -2.65 -30.59
N TYR B 573 -10.96 -2.28 -29.80
CA TYR B 573 -11.76 -1.10 -30.12
C TYR B 573 -10.90 0.15 -30.31
N PHE B 574 -9.90 0.36 -29.44
CA PHE B 574 -9.14 1.60 -29.43
C PHE B 574 -7.79 1.48 -30.18
N GLN B 575 -7.43 0.25 -30.57
CA GLN B 575 -6.19 -0.13 -31.25
C GLN B 575 -5.56 0.99 -32.07
N LEU B 576 -6.36 1.67 -32.93
CA LEU B 576 -5.87 2.74 -33.81
C LEU B 576 -5.47 4.01 -33.06
N VAL B 577 -6.23 4.38 -32.00
CA VAL B 577 -5.87 5.62 -31.31
C VAL B 577 -4.74 5.30 -30.31
N THR B 578 -4.69 4.05 -29.84
CA THR B 578 -3.62 3.61 -28.94
C THR B 578 -2.28 3.78 -29.68
N GLN B 579 -2.18 3.11 -30.84
CA GLN B 579 -1.02 3.19 -31.73
C GLN B 579 -0.76 4.64 -32.11
N TRP B 580 -1.81 5.43 -32.35
CA TRP B 580 -1.59 6.82 -32.76
C TRP B 580 -0.96 7.60 -31.62
N LEU B 581 -1.60 7.54 -30.43
CA LEU B 581 -1.15 8.26 -29.24
C LEU B 581 0.29 7.90 -28.93
N GLN B 582 0.63 6.60 -29.05
CA GLN B 582 1.90 6.00 -28.67
C GLN B 582 3.00 6.57 -29.56
N GLU B 583 2.74 6.69 -30.86
CA GLU B 583 3.63 7.38 -31.80
C GLU B 583 3.71 8.88 -31.57
N GLN B 584 2.60 9.55 -31.31
CA GLN B 584 2.61 11.01 -31.31
C GLN B 584 3.37 11.55 -30.09
N ASN B 585 3.45 10.74 -29.00
CA ASN B 585 4.04 11.26 -27.79
C ASN B 585 5.57 11.14 -27.95
N GLN B 586 5.99 10.01 -28.53
CA GLN B 586 7.36 9.69 -28.95
C GLN B 586 8.01 10.83 -29.75
N GLN B 587 7.22 11.64 -30.44
CA GLN B 587 7.75 12.67 -31.31
C GLN B 587 7.50 14.05 -30.72
N ASN B 588 7.05 14.07 -29.48
CA ASN B 588 7.12 15.32 -28.73
C ASN B 588 8.05 15.08 -27.57
N GLY B 589 8.73 13.93 -27.61
CA GLY B 589 9.55 13.41 -26.53
C GLY B 589 8.88 13.68 -25.17
N GLU B 590 7.61 13.30 -25.03
CA GLU B 590 6.91 13.47 -23.76
C GLU B 590 7.47 12.47 -22.77
N VAL B 591 7.41 12.77 -21.48
CA VAL B 591 7.65 11.75 -20.44
C VAL B 591 6.32 11.02 -20.18
N LEU B 592 6.28 9.70 -20.32
CA LEU B 592 5.11 8.93 -19.87
C LEU B 592 5.17 8.79 -18.36
N GLY B 593 4.10 9.15 -17.66
CA GLY B 593 4.17 9.13 -16.20
C GLY B 593 4.44 10.53 -15.64
N TRP B 594 4.66 10.56 -14.33
CA TRP B 594 4.75 11.82 -13.60
C TRP B 594 5.85 11.68 -12.54
N PRO B 595 7.12 11.55 -12.99
CA PRO B 595 8.25 11.30 -12.09
C PRO B 595 8.43 12.41 -11.08
N GLU B 596 7.97 13.65 -11.37
CA GLU B 596 7.95 14.69 -10.36
C GLU B 596 6.70 14.59 -9.48
N TYR B 597 6.72 13.57 -8.59
CA TYR B 597 5.50 13.06 -7.98
C TYR B 597 5.14 14.04 -6.87
N GLN B 598 6.11 14.84 -6.42
CA GLN B 598 5.75 15.75 -5.34
C GLN B 598 5.14 17.09 -5.82
N TRP B 599 5.07 17.29 -7.13
CA TRP B 599 4.79 18.61 -7.66
C TRP B 599 3.32 18.95 -7.46
N HIS B 600 3.05 20.20 -7.05
CA HIS B 600 1.70 20.75 -6.97
C HIS B 600 1.75 22.16 -7.57
N PRO B 601 0.68 22.66 -8.19
CA PRO B 601 0.78 23.97 -8.83
C PRO B 601 0.75 25.06 -7.76
N PRO B 602 1.24 26.29 -8.07
CA PRO B 602 1.12 27.39 -7.11
C PRO B 602 -0.33 27.89 -7.14
N LEU B 603 -0.76 28.68 -6.15
CA LEU B 603 -2.03 29.44 -6.16
C LEU B 603 -1.98 30.52 -7.24
N PRO B 604 -3.10 30.83 -7.92
CA PRO B 604 -3.18 32.05 -8.75
C PRO B 604 -2.92 33.30 -7.89
N ASP B 605 -2.43 34.38 -8.52
CA ASP B 605 -2.07 35.61 -7.81
C ASP B 605 -3.26 36.20 -7.06
N ASN B 606 -3.05 36.52 -5.78
CA ASN B 606 -4.08 36.93 -4.84
C ASN B 606 -5.34 36.07 -5.00
N TYR B 607 -5.26 34.75 -4.76
CA TYR B 607 -6.47 33.92 -4.76
C TYR B 607 -7.03 33.86 -3.32
N PRO B 608 -8.36 33.81 -3.05
CA PRO B 608 -9.45 33.87 -4.05
C PRO B 608 -10.10 35.18 -4.51
N GLU B 609 -9.44 36.32 -4.29
CA GLU B 609 -9.89 37.60 -4.81
C GLU B 609 -10.04 37.53 -6.33
N GLY B 610 -10.82 38.44 -6.92
CA GLY B 610 -10.85 38.54 -8.37
C GLY B 610 -11.88 37.64 -9.05
N ILE B 611 -12.26 36.51 -8.44
CA ILE B 611 -13.30 35.65 -9.04
C ILE B 611 -14.68 36.20 -8.69
N ASP B 612 -15.62 36.03 -9.63
CA ASP B 612 -17.03 36.30 -9.40
C ASP B 612 -17.90 35.36 -10.25
#